data_1TII
#
_entry.id   1TII
#
_cell.length_a   105.700
_cell.length_b   105.700
_cell.length_c   171.600
_cell.angle_alpha   90.00
_cell.angle_beta   90.00
_cell.angle_gamma   120.00
#
_symmetry.space_group_name_H-M   'P 31 2 1'
#
loop_
_entity.id
_entity.type
_entity.pdbx_description
1 polymer 'HEAT LABILE ENTEROTOXIN TYPE IIB'
2 polymer 'HEAT LABILE ENTEROTOXIN TYPE IIB'
3 polymer 'HEAT LABILE ENTEROTOXIN TYPE IIB'
4 water water
#
loop_
_entity_poly.entity_id
_entity_poly.type
_entity_poly.pdbx_seq_one_letter_code
_entity_poly.pdbx_strand_id
1 'polypeptide(L)'
;GASQFFKDNCNRTTASLVEGVELTKYISDINNNTDGMYVVSSTGGVWRISRAKDYPDNVMTAEMRKIAMAAVLSGMRVNM
CASPASSPNVIWAIELEAE
;
D,E,F,G,H
2 'polypeptide(L)'
;NDYFRADSRTPDEVRRSGGLIPRGQDEAYERGTPININLYDHARGTATGNTRYNDGYVSTTTTLRQAHLLGQNMLGGYNE
YYIYVVAAAPNLFDVNGVLGRYSPYPSENEYAALGGIPLSQIIGWYRVSFGAIEGGMHRNRDYRRDLFRGLSAAPNEDGY
RIAGFPDGFPAWEEVPWREFAPNSCLPNNK
;
A
3 'polypeptide(L)' ASSDTTCASLTNKLSQHDLADFKKYIKRKFTLMTLLSINNDGFFSNNGGKDEL C
#
# COMPACT_ATOMS: atom_id res chain seq x y z
N GLY A 1 -11.41 -20.33 6.74
CA GLY A 1 -11.39 -20.88 8.12
C GLY A 1 -9.98 -20.92 8.65
N ALA A 2 -9.81 -21.15 9.95
CA ALA A 2 -8.48 -21.19 10.55
C ALA A 2 -7.76 -22.44 10.07
N SER A 3 -6.46 -22.31 9.82
CA SER A 3 -5.67 -23.42 9.35
C SER A 3 -5.78 -24.52 10.39
N GLN A 4 -5.66 -25.77 9.95
CA GLN A 4 -5.74 -26.89 10.88
C GLN A 4 -4.71 -26.66 11.96
N PHE A 5 -3.56 -26.16 11.53
CA PHE A 5 -2.47 -25.85 12.44
C PHE A 5 -2.95 -24.93 13.56
N PHE A 6 -3.56 -23.82 13.18
CA PHE A 6 -4.05 -22.85 14.13
C PHE A 6 -5.12 -23.44 15.05
N LYS A 7 -6.12 -24.12 14.48
CA LYS A 7 -7.17 -24.73 15.30
C LYS A 7 -6.58 -25.60 16.39
N ASP A 8 -5.53 -26.34 16.07
CA ASP A 8 -4.89 -27.24 17.02
C ASP A 8 -4.08 -26.58 18.17
N ASN A 9 -3.25 -25.59 17.87
CA ASN A 9 -2.44 -24.89 18.89
C ASN A 9 -3.28 -24.15 19.91
N CYS A 10 -4.38 -23.58 19.44
CA CYS A 10 -5.30 -22.84 20.31
C CYS A 10 -6.08 -23.77 21.22
N ASN A 11 -6.54 -24.90 20.67
CA ASN A 11 -7.32 -25.88 21.43
C ASN A 11 -6.46 -26.69 22.41
N ARG A 12 -5.17 -26.39 22.41
CA ARG A 12 -4.19 -27.01 23.29
C ARG A 12 -4.08 -26.11 24.55
N THR A 13 -4.68 -24.90 24.46
CA THR A 13 -4.65 -23.93 25.55
C THR A 13 -6.03 -23.65 26.19
N THR A 14 -6.03 -22.71 27.13
CA THR A 14 -7.23 -22.27 27.85
C THR A 14 -8.02 -21.22 27.07
N ALA A 15 -7.41 -20.66 26.02
CA ALA A 15 -8.07 -19.64 25.23
C ALA A 15 -9.09 -20.25 24.29
N SER A 16 -10.02 -19.43 23.82
CA SER A 16 -11.04 -19.87 22.88
C SER A 16 -10.61 -19.49 21.44
N LEU A 17 -11.04 -20.27 20.46
CA LEU A 17 -10.72 -19.98 19.06
C LEU A 17 -11.88 -19.19 18.48
N VAL A 18 -11.60 -17.97 18.03
CA VAL A 18 -12.63 -17.12 17.42
C VAL A 18 -12.25 -17.05 15.94
N GLU A 19 -13.12 -17.50 15.03
CA GLU A 19 -12.73 -17.45 13.63
C GLU A 19 -13.54 -16.64 12.63
N GLY A 20 -12.86 -16.19 11.58
CA GLY A 20 -13.48 -15.39 10.53
C GLY A 20 -14.01 -14.04 11.00
N VAL A 21 -13.26 -13.38 11.88
CA VAL A 21 -13.67 -12.09 12.42
C VAL A 21 -13.27 -10.97 11.48
N GLU A 22 -14.11 -9.95 11.42
CA GLU A 22 -13.83 -8.80 10.59
C GLU A 22 -13.55 -7.60 11.50
N LEU A 23 -12.27 -7.23 11.59
CA LEU A 23 -11.84 -6.11 12.42
C LEU A 23 -12.17 -4.83 11.71
N THR A 24 -12.72 -3.88 12.46
CA THR A 24 -13.14 -2.61 11.91
C THR A 24 -12.51 -1.38 12.56
N LYS A 25 -11.99 -1.53 13.78
CA LYS A 25 -11.35 -0.39 14.47
C LYS A 25 -10.08 -0.88 15.07
N TYR A 26 -9.13 0.02 15.15
CA TYR A 26 -7.83 -0.28 15.71
C TYR A 26 -7.63 0.87 16.66
N ILE A 27 -7.36 0.57 17.91
CA ILE A 27 -7.21 1.59 18.96
C ILE A 27 -5.89 1.61 19.71
N SER A 28 -5.34 2.80 19.90
CA SER A 28 -4.11 3.00 20.70
C SER A 28 -4.58 3.98 21.78
N ASP A 29 -4.40 3.63 23.05
CA ASP A 29 -4.86 4.48 24.14
C ASP A 29 -3.80 4.61 25.20
N ILE A 30 -3.40 5.83 25.53
CA ILE A 30 -2.43 6.00 26.62
C ILE A 30 -3.03 6.56 27.93
N ASN A 31 -4.37 6.77 27.99
CA ASN A 31 -5.04 7.24 29.24
C ASN A 31 -4.65 6.16 30.26
N ASN A 32 -4.12 6.56 31.41
CA ASN A 32 -3.69 5.57 32.40
C ASN A 32 -4.69 4.47 32.73
N ASN A 33 -5.97 4.78 32.76
CA ASN A 33 -6.93 3.76 33.10
C ASN A 33 -7.17 2.71 32.03
N THR A 34 -7.11 3.11 30.76
CA THR A 34 -7.36 2.19 29.66
C THR A 34 -6.16 1.93 28.74
N ASP A 35 -5.00 2.38 29.19
CA ASP A 35 -3.72 2.25 28.49
C ASP A 35 -3.60 0.88 27.83
N GLY A 36 -3.48 0.85 26.49
CA GLY A 36 -3.34 -0.41 25.76
C GLY A 36 -3.60 -0.29 24.25
N MET A 37 -3.63 -1.43 23.57
CA MET A 37 -3.87 -1.54 22.12
C MET A 37 -5.09 -2.44 22.00
N TYR A 38 -6.08 -2.03 21.22
CA TYR A 38 -7.30 -2.83 21.10
C TYR A 38 -7.82 -2.85 19.67
N VAL A 39 -8.66 -3.83 19.37
CA VAL A 39 -9.30 -3.95 18.07
C VAL A 39 -10.77 -4.24 18.36
N VAL A 40 -11.64 -3.79 17.47
CA VAL A 40 -13.08 -3.98 17.60
C VAL A 40 -13.57 -4.68 16.32
N SER A 41 -14.40 -5.72 16.45
CA SER A 41 -14.91 -6.42 15.27
C SER A 41 -16.11 -5.69 14.74
N SER A 42 -16.62 -6.14 13.61
CA SER A 42 -17.76 -5.50 12.99
C SER A 42 -19.02 -5.66 13.84
N THR A 43 -19.01 -6.66 14.73
CA THR A 43 -20.14 -6.96 15.60
C THR A 43 -19.98 -6.36 17.01
N GLY A 44 -18.99 -5.49 17.18
CA GLY A 44 -18.80 -4.86 18.47
C GLY A 44 -17.96 -5.61 19.49
N GLY A 45 -17.41 -6.77 19.14
CA GLY A 45 -16.57 -7.45 20.09
C GLY A 45 -15.28 -6.65 20.24
N VAL A 46 -14.69 -6.63 21.43
CA VAL A 46 -13.46 -5.88 21.70
C VAL A 46 -12.38 -6.81 22.26
N TRP A 47 -11.13 -6.64 21.83
CA TRP A 47 -10.02 -7.47 22.32
C TRP A 47 -8.81 -6.64 22.62
N ARG A 48 -7.99 -7.12 23.53
CA ARG A 48 -6.75 -6.42 23.85
C ARG A 48 -5.63 -7.18 23.14
N ILE A 49 -4.63 -6.46 22.65
CA ILE A 49 -3.52 -7.11 21.97
C ILE A 49 -2.39 -7.30 23.00
N SER A 50 -1.85 -8.52 23.09
CA SER A 50 -0.76 -8.79 24.03
C SER A 50 0.46 -7.92 23.75
N ARG A 51 1.34 -7.77 24.74
CA ARG A 51 2.56 -7.03 24.54
C ARG A 51 3.64 -7.70 25.37
N ALA A 52 4.88 -7.51 24.99
CA ALA A 52 5.99 -8.11 25.70
C ALA A 52 7.20 -7.28 25.42
N LYS A 53 8.03 -7.07 26.42
CA LYS A 53 9.20 -6.24 26.21
C LYS A 53 10.43 -7.03 25.81
N ASP A 54 10.51 -8.28 26.27
CA ASP A 54 11.69 -9.07 25.97
C ASP A 54 11.61 -10.07 24.81
N TYR A 55 12.79 -10.33 24.21
CA TYR A 55 12.91 -11.28 23.12
C TYR A 55 12.61 -12.66 23.68
N PRO A 56 11.92 -13.51 22.92
CA PRO A 56 11.40 -13.29 21.57
C PRO A 56 10.01 -12.69 21.45
N ASP A 57 9.21 -12.72 22.51
CA ASP A 57 7.85 -12.23 22.42
C ASP A 57 7.60 -10.81 21.97
N ASN A 58 8.59 -9.94 22.12
CA ASN A 58 8.47 -8.57 21.67
C ASN A 58 8.32 -8.57 20.13
N VAL A 59 8.86 -9.59 19.48
CA VAL A 59 8.76 -9.72 18.04
C VAL A 59 7.36 -10.23 17.68
N MET A 60 6.90 -11.30 18.31
CA MET A 60 5.57 -11.82 17.99
C MET A 60 4.42 -10.83 18.24
N THR A 61 4.50 -10.05 19.33
CA THR A 61 3.43 -9.10 19.64
C THR A 61 3.47 -7.94 18.65
N ALA A 62 4.66 -7.53 18.24
CA ALA A 62 4.83 -6.49 17.21
C ALA A 62 4.14 -6.95 15.91
N GLU A 63 4.33 -8.21 15.54
CA GLU A 63 3.69 -8.72 14.34
C GLU A 63 2.19 -8.80 14.57
N MET A 64 1.79 -9.12 15.80
CA MET A 64 0.38 -9.19 16.16
C MET A 64 -0.33 -7.83 15.91
N ARG A 65 0.36 -6.73 16.19
CA ARG A 65 -0.16 -5.39 15.95
C ARG A 65 -0.27 -5.12 14.45
N LYS A 66 0.77 -5.49 13.70
CA LYS A 66 0.80 -5.31 12.25
C LYS A 66 -0.30 -6.17 11.60
N ILE A 67 -0.47 -7.39 12.08
CA ILE A 67 -1.52 -8.24 11.53
C ILE A 67 -2.89 -7.62 11.78
N ALA A 68 -3.08 -7.07 12.98
CA ALA A 68 -4.34 -6.46 13.36
C ALA A 68 -4.60 -5.22 12.53
N MET A 69 -3.61 -4.36 12.42
CA MET A 69 -3.76 -3.16 11.63
C MET A 69 -3.91 -3.43 10.12
N ALA A 70 -3.19 -4.41 9.58
CA ALA A 70 -3.33 -4.74 8.16
C ALA A 70 -4.74 -5.27 7.90
N ALA A 71 -5.34 -5.92 8.89
CA ALA A 71 -6.71 -6.46 8.79
C ALA A 71 -7.76 -5.35 8.75
N VAL A 72 -7.58 -4.28 9.53
CA VAL A 72 -8.51 -3.15 9.53
C VAL A 72 -8.36 -2.39 8.20
N LEU A 73 -7.13 -2.18 7.77
CA LEU A 73 -6.81 -1.49 6.53
C LEU A 73 -7.31 -2.24 5.30
N SER A 74 -7.25 -3.56 5.32
CA SER A 74 -7.67 -4.36 4.16
C SER A 74 -9.03 -5.01 4.16
N GLY A 75 -9.58 -5.29 5.35
CA GLY A 75 -10.87 -5.95 5.41
C GLY A 75 -10.72 -7.47 5.37
N MET A 76 -9.49 -7.96 5.46
CA MET A 76 -9.22 -9.39 5.47
C MET A 76 -9.61 -9.93 6.85
N ARG A 77 -10.14 -11.15 6.88
CA ARG A 77 -10.57 -11.78 8.13
C ARG A 77 -9.41 -12.32 8.91
N VAL A 78 -9.65 -12.54 10.19
CA VAL A 78 -8.64 -13.11 11.04
C VAL A 78 -9.28 -14.15 11.92
N ASN A 79 -8.43 -15.02 12.46
CA ASN A 79 -8.83 -16.07 13.39
C ASN A 79 -7.98 -15.74 14.59
N MET A 80 -8.58 -15.76 15.77
CA MET A 80 -7.84 -15.43 16.98
C MET A 80 -7.94 -16.55 18.00
N CYS A 81 -7.00 -16.54 18.95
CA CYS A 81 -6.98 -17.49 20.06
C CYS A 81 -6.91 -16.49 21.22
N ALA A 82 -8.05 -16.23 21.84
CA ALA A 82 -8.12 -15.22 22.90
C ALA A 82 -8.51 -15.75 24.27
N SER A 83 -7.82 -15.29 25.33
CA SER A 83 -8.12 -15.71 26.71
C SER A 83 -9.31 -14.99 27.28
N PRO A 84 -10.22 -15.74 27.91
CA PRO A 84 -11.43 -15.18 28.52
C PRO A 84 -11.20 -14.62 29.93
N ALA A 85 -10.03 -14.89 30.51
CA ALA A 85 -9.71 -14.40 31.84
C ALA A 85 -9.96 -12.91 31.99
N SER A 86 -9.22 -12.10 31.24
CA SER A 86 -9.35 -10.65 31.30
C SER A 86 -10.53 -10.14 30.49
N SER A 87 -10.80 -8.85 30.63
CA SER A 87 -11.87 -8.19 29.89
C SER A 87 -11.41 -6.75 29.63
N PRO A 88 -11.25 -6.37 28.34
CA PRO A 88 -11.49 -7.21 27.15
C PRO A 88 -10.55 -8.43 27.00
N ASN A 89 -11.00 -9.47 26.31
CA ASN A 89 -10.18 -10.68 26.13
C ASN A 89 -8.85 -10.35 25.50
N VAL A 90 -7.83 -11.12 25.88
CA VAL A 90 -6.49 -10.94 25.39
C VAL A 90 -6.20 -11.91 24.24
N ILE A 91 -5.63 -11.38 23.16
CA ILE A 91 -5.26 -12.16 21.97
C ILE A 91 -3.91 -12.80 22.22
N TRP A 92 -3.88 -14.12 22.22
CA TRP A 92 -2.65 -14.89 22.43
C TRP A 92 -2.02 -15.35 21.10
N ALA A 93 -2.85 -15.43 20.07
CA ALA A 93 -2.40 -15.85 18.76
C ALA A 93 -3.39 -15.28 17.77
N ILE A 94 -2.91 -14.93 16.57
CA ILE A 94 -3.76 -14.36 15.53
C ILE A 94 -3.31 -14.85 14.13
N GLU A 95 -4.29 -15.18 13.29
CA GLU A 95 -4.02 -15.67 11.95
C GLU A 95 -4.70 -14.77 10.94
N LEU A 96 -3.89 -14.13 10.09
CA LEU A 96 -4.39 -13.27 9.02
C LEU A 96 -4.62 -14.19 7.83
N GLU A 97 -5.84 -14.18 7.30
CA GLU A 97 -6.12 -15.04 6.17
C GLU A 97 -6.44 -14.28 4.91
N ALA A 98 -5.75 -14.63 3.84
CA ALA A 98 -5.91 -14.00 2.54
C ALA A 98 -7.22 -14.42 1.86
N GLY B 1 10.04 -18.86 -11.20
CA GLY B 1 10.56 -19.82 -10.20
C GLY B 1 11.76 -19.17 -9.56
N ALA B 2 12.47 -19.91 -8.72
CA ALA B 2 13.64 -19.38 -8.03
C ALA B 2 14.72 -18.89 -8.98
N SER B 3 15.37 -17.79 -8.60
CA SER B 3 16.45 -17.23 -9.39
C SER B 3 17.60 -18.22 -9.24
N GLN B 4 18.50 -18.24 -10.22
CA GLN B 4 19.64 -19.14 -10.17
C GLN B 4 20.44 -18.91 -8.92
N PHE B 5 20.69 -17.65 -8.59
CA PHE B 5 21.43 -17.29 -7.39
C PHE B 5 20.80 -17.95 -6.15
N PHE B 6 19.49 -17.74 -5.98
CA PHE B 6 18.76 -18.33 -4.86
C PHE B 6 18.82 -19.85 -4.93
N LYS B 7 18.63 -20.39 -6.12
CA LYS B 7 18.67 -21.83 -6.34
C LYS B 7 20.03 -22.40 -5.95
N ASP B 8 21.10 -21.73 -6.36
CA ASP B 8 22.43 -22.19 -6.04
C ASP B 8 22.69 -22.22 -4.54
N ASN B 9 22.48 -21.09 -3.87
CA ASN B 9 22.70 -20.98 -2.42
C ASN B 9 22.02 -22.04 -1.58
N CYS B 10 20.77 -22.35 -1.91
CA CYS B 10 20.04 -23.36 -1.17
C CYS B 10 20.59 -24.74 -1.44
N ASN B 11 20.83 -25.04 -2.71
CA ASN B 11 21.37 -26.35 -3.07
C ASN B 11 22.82 -26.53 -2.63
N ARG B 12 23.33 -25.52 -1.95
CA ARG B 12 24.68 -25.54 -1.41
C ARG B 12 24.55 -26.11 0.02
N THR B 13 23.41 -25.85 0.66
CA THR B 13 23.15 -26.31 2.02
C THR B 13 22.37 -27.63 2.07
N THR B 14 21.94 -28.03 3.27
CA THR B 14 21.17 -29.26 3.50
C THR B 14 19.65 -29.07 3.43
N ALA B 15 19.22 -27.83 3.24
CA ALA B 15 17.81 -27.48 3.18
C ALA B 15 17.18 -27.78 1.83
N SER B 16 15.86 -27.87 1.84
CA SER B 16 15.08 -28.11 0.64
C SER B 16 14.66 -26.80 0.00
N LEU B 17 14.50 -26.81 -1.31
CA LEU B 17 14.08 -25.64 -2.03
C LEU B 17 12.61 -25.86 -2.28
N VAL B 18 11.81 -24.81 -2.24
CA VAL B 18 10.39 -24.93 -2.51
C VAL B 18 10.15 -23.74 -3.41
N GLU B 19 9.43 -23.94 -4.51
CA GLU B 19 9.19 -22.85 -5.43
C GLU B 19 7.73 -22.62 -5.78
N GLY B 20 7.45 -21.39 -6.23
CA GLY B 20 6.11 -20.99 -6.62
C GLY B 20 5.09 -21.23 -5.54
N VAL B 21 5.46 -20.92 -4.29
CA VAL B 21 4.57 -21.13 -3.15
C VAL B 21 3.61 -19.97 -2.96
N GLU B 22 2.36 -20.33 -2.72
CA GLU B 22 1.30 -19.37 -2.51
C GLU B 22 0.94 -19.37 -1.01
N LEU B 23 1.38 -18.34 -0.29
CA LEU B 23 1.12 -18.22 1.15
C LEU B 23 -0.23 -17.55 1.36
N THR B 24 -1.10 -18.20 2.12
CA THR B 24 -2.44 -17.66 2.33
C THR B 24 -2.82 -17.28 3.78
N LYS B 25 -1.93 -17.55 4.73
CA LYS B 25 -2.18 -17.24 6.14
C LYS B 25 -0.88 -16.90 6.79
N TYR B 26 -0.92 -15.90 7.66
CA TYR B 26 0.24 -15.45 8.40
C TYR B 26 -0.17 -15.54 9.88
N ILE B 27 0.69 -16.13 10.72
CA ILE B 27 0.39 -16.36 12.13
C ILE B 27 1.41 -15.86 13.14
N SER B 28 0.93 -15.25 14.23
CA SER B 28 1.78 -14.79 15.34
C SER B 28 1.22 -15.54 16.56
N ASP B 29 2.06 -16.32 17.22
CA ASP B 29 1.66 -17.14 18.37
C ASP B 29 2.62 -16.93 19.55
N ILE B 30 2.07 -16.60 20.72
CA ILE B 30 2.89 -16.42 21.93
C ILE B 30 2.56 -17.48 22.99
N ASN B 31 1.61 -18.36 22.68
CA ASN B 31 1.26 -19.46 23.59
C ASN B 31 2.51 -20.30 23.66
N ASN B 32 3.19 -20.25 24.80
CA ASN B 32 4.44 -20.97 25.06
C ASN B 32 4.66 -22.34 24.37
N ASN B 33 3.58 -23.09 24.17
CA ASN B 33 3.71 -24.38 23.50
C ASN B 33 4.10 -24.20 22.00
N THR B 34 3.41 -23.28 21.32
CA THR B 34 3.59 -23.01 19.90
C THR B 34 4.14 -21.62 19.55
N ASP B 35 4.88 -21.05 20.50
CA ASP B 35 5.46 -19.72 20.41
C ASP B 35 6.32 -19.39 19.19
N GLY B 36 5.75 -18.67 18.21
CA GLY B 36 6.50 -18.30 17.03
C GLY B 36 5.68 -17.68 15.90
N MET B 37 6.34 -17.38 14.79
CA MET B 37 5.72 -16.80 13.59
C MET B 37 5.64 -17.91 12.53
N TYR B 38 4.47 -18.12 11.94
CA TYR B 38 4.25 -19.18 10.95
C TYR B 38 3.53 -18.72 9.69
N VAL B 39 3.65 -19.49 8.61
CA VAL B 39 2.98 -19.21 7.34
C VAL B 39 2.39 -20.51 6.80
N VAL B 40 1.20 -20.43 6.23
CA VAL B 40 0.52 -21.59 5.67
C VAL B 40 0.32 -21.38 4.16
N SER B 41 0.57 -22.40 3.35
CA SER B 41 0.43 -22.29 1.91
C SER B 41 -0.94 -22.73 1.46
N SER B 42 -1.27 -22.40 0.22
CA SER B 42 -2.56 -22.77 -0.33
C SER B 42 -2.77 -24.27 -0.41
N THR B 43 -1.69 -25.04 -0.37
CA THR B 43 -1.78 -26.49 -0.45
C THR B 43 -1.83 -27.14 0.95
N GLY B 44 -1.59 -26.34 1.98
CA GLY B 44 -1.63 -26.83 3.34
C GLY B 44 -0.29 -26.91 4.02
N GLY B 45 0.76 -26.40 3.38
CA GLY B 45 2.05 -26.46 3.99
C GLY B 45 2.18 -25.42 5.08
N VAL B 46 2.95 -25.72 6.12
CA VAL B 46 3.18 -24.83 7.25
C VAL B 46 4.66 -24.70 7.49
N TRP B 47 5.16 -23.47 7.54
CA TRP B 47 6.57 -23.21 7.77
C TRP B 47 6.68 -22.17 8.86
N ARG B 48 7.80 -22.13 9.56
CA ARG B 48 7.98 -21.11 10.56
C ARG B 48 9.19 -20.31 10.21
N ILE B 49 9.06 -19.01 10.44
CA ILE B 49 10.09 -18.06 10.12
C ILE B 49 11.15 -18.11 11.22
N SER B 50 12.39 -17.86 10.85
CA SER B 50 13.48 -17.87 11.80
C SER B 50 13.57 -16.56 12.57
N ARG B 51 13.99 -16.65 13.83
CA ARG B 51 14.19 -15.47 14.66
C ARG B 51 15.65 -15.35 15.09
N ALA B 52 16.11 -14.14 15.35
CA ALA B 52 17.48 -13.95 15.75
C ALA B 52 17.61 -12.62 16.45
N LYS B 53 18.03 -12.67 17.71
CA LYS B 53 18.20 -11.48 18.55
C LYS B 53 19.35 -10.54 18.16
N ASP B 54 20.47 -11.09 17.70
CA ASP B 54 21.63 -10.24 17.38
C ASP B 54 21.81 -9.88 15.93
N TYR B 55 22.64 -8.86 15.70
CA TYR B 55 22.99 -8.40 14.37
C TYR B 55 24.09 -9.33 13.83
N PRO B 56 24.16 -9.51 12.51
CA PRO B 56 23.34 -8.95 11.43
C PRO B 56 22.04 -9.71 11.16
N ASP B 57 21.91 -10.91 11.70
CA ASP B 57 20.73 -11.72 11.47
C ASP B 57 19.36 -11.21 11.88
N ASN B 58 19.31 -10.32 12.87
CA ASN B 58 18.04 -9.71 13.32
C ASN B 58 17.39 -8.94 12.15
N VAL B 59 18.24 -8.37 11.30
CA VAL B 59 17.83 -7.63 10.11
C VAL B 59 17.21 -8.58 9.09
N MET B 60 17.90 -9.67 8.80
CA MET B 60 17.41 -10.63 7.83
C MET B 60 16.07 -11.26 8.23
N THR B 61 15.93 -11.64 9.50
CA THR B 61 14.69 -12.25 9.95
C THR B 61 13.51 -11.25 9.90
N ALA B 62 13.79 -9.98 10.15
CA ALA B 62 12.77 -8.93 10.08
C ALA B 62 12.30 -8.79 8.64
N GLU B 63 13.26 -8.82 7.72
CA GLU B 63 12.98 -8.72 6.31
C GLU B 63 12.21 -9.94 5.90
N MET B 64 12.53 -11.05 6.52
CA MET B 64 11.85 -12.29 6.23
C MET B 64 10.38 -12.15 6.59
N ARG B 65 10.09 -11.44 7.68
CA ARG B 65 8.71 -11.25 8.11
C ARG B 65 7.95 -10.28 7.21
N LYS B 66 8.64 -9.27 6.70
CA LYS B 66 8.01 -8.33 5.76
C LYS B 66 7.61 -9.04 4.45
N ILE B 67 8.51 -9.89 3.95
CA ILE B 67 8.28 -10.64 2.72
C ILE B 67 7.06 -11.57 2.86
N ALA B 68 7.00 -12.30 3.96
CA ALA B 68 5.88 -13.20 4.22
C ALA B 68 4.56 -12.44 4.21
N MET B 69 4.55 -11.27 4.84
CA MET B 69 3.34 -10.46 4.92
C MET B 69 2.99 -9.89 3.55
N ALA B 70 3.99 -9.42 2.83
CA ALA B 70 3.79 -8.88 1.48
C ALA B 70 3.15 -9.94 0.60
N ALA B 71 3.59 -11.19 0.77
CA ALA B 71 3.07 -12.32 0.00
C ALA B 71 1.63 -12.61 0.31
N VAL B 72 1.28 -12.64 1.59
CA VAL B 72 -0.10 -12.92 1.98
C VAL B 72 -1.03 -11.79 1.55
N LEU B 73 -0.53 -10.56 1.54
CA LEU B 73 -1.36 -9.40 1.15
C LEU B 73 -1.53 -9.20 -0.35
N SER B 74 -0.47 -9.46 -1.10
CA SER B 74 -0.47 -9.25 -2.55
C SER B 74 -0.83 -10.46 -3.39
N GLY B 75 -0.46 -11.64 -2.93
CA GLY B 75 -0.71 -12.83 -3.72
C GLY B 75 0.58 -13.19 -4.47
N MET B 76 1.63 -12.40 -4.27
CA MET B 76 2.90 -12.66 -4.92
C MET B 76 3.49 -13.93 -4.37
N ARG B 77 4.03 -14.73 -5.27
CA ARG B 77 4.63 -15.99 -4.89
C ARG B 77 6.03 -15.83 -4.31
N VAL B 78 6.44 -16.82 -3.55
CA VAL B 78 7.77 -16.84 -2.94
C VAL B 78 8.44 -18.19 -3.17
N ASN B 79 9.75 -18.21 -3.04
CA ASN B 79 10.50 -19.44 -3.17
C ASN B 79 11.20 -19.53 -1.83
N MET B 80 11.21 -20.70 -1.24
CA MET B 80 11.81 -20.85 0.07
C MET B 80 12.86 -21.94 0.16
N CYS B 81 13.82 -21.72 1.05
CA CYS B 81 14.86 -22.68 1.31
C CYS B 81 14.62 -22.99 2.77
N ALA B 82 13.93 -24.09 3.00
CA ALA B 82 13.57 -24.49 4.34
C ALA B 82 14.25 -25.76 4.81
N SER B 83 14.71 -25.74 6.04
CA SER B 83 15.37 -26.90 6.65
C SER B 83 14.32 -27.90 7.11
N PRO B 84 14.45 -29.16 6.66
CA PRO B 84 13.51 -30.23 7.02
C PRO B 84 13.89 -30.83 8.38
N ALA B 85 14.83 -30.19 9.07
CA ALA B 85 15.30 -30.64 10.38
C ALA B 85 14.20 -30.58 11.46
N SER B 86 13.32 -29.58 11.37
CA SER B 86 12.24 -29.41 12.34
C SER B 86 10.88 -29.75 11.74
N SER B 87 9.82 -29.60 12.53
CA SER B 87 8.46 -29.86 12.08
C SER B 87 7.54 -28.89 12.83
N PRO B 88 7.03 -27.84 12.14
CA PRO B 88 7.23 -27.45 10.74
C PRO B 88 8.66 -27.06 10.36
N ASN B 89 8.95 -27.09 9.06
CA ASN B 89 10.28 -26.75 8.59
C ASN B 89 10.56 -25.27 8.75
N VAL B 90 11.79 -24.97 9.11
CA VAL B 90 12.15 -23.59 9.33
C VAL B 90 12.68 -23.00 8.03
N ILE B 91 12.30 -21.77 7.75
CA ILE B 91 12.74 -21.10 6.54
C ILE B 91 14.07 -20.39 6.74
N TRP B 92 15.11 -20.83 6.03
CA TRP B 92 16.44 -20.21 6.14
C TRP B 92 16.65 -19.11 5.13
N ALA B 93 15.87 -19.13 4.06
CA ALA B 93 16.01 -18.13 3.04
C ALA B 93 14.70 -18.10 2.30
N ILE B 94 14.33 -16.90 1.86
CA ILE B 94 13.07 -16.70 1.15
C ILE B 94 13.28 -15.65 0.08
N GLU B 95 12.58 -15.84 -1.03
CA GLU B 95 12.65 -14.94 -2.16
C GLU B 95 11.25 -14.59 -2.60
N LEU B 96 11.03 -13.29 -2.72
CA LEU B 96 9.76 -12.75 -3.13
C LEU B 96 9.94 -12.46 -4.60
N GLU B 97 8.98 -12.87 -5.44
CA GLU B 97 9.10 -12.64 -6.88
C GLU B 97 7.90 -11.96 -7.56
N ALA B 98 8.16 -10.86 -8.27
CA ALA B 98 7.12 -10.12 -8.99
C ALA B 98 6.99 -10.70 -10.39
N GLY C 1 15.88 8.80 -16.14
CA GLY C 1 17.26 8.35 -15.78
C GLY C 1 17.63 9.01 -14.47
N ALA C 2 18.71 8.56 -13.85
CA ALA C 2 19.16 9.13 -12.57
C ALA C 2 19.20 10.65 -12.60
N SER C 3 19.14 11.28 -11.42
CA SER C 3 19.19 12.74 -11.34
C SER C 3 20.63 13.18 -11.60
N GLN C 4 20.81 14.43 -12.00
CA GLN C 4 22.15 14.93 -12.25
C GLN C 4 22.88 14.74 -10.93
N PHE C 5 22.21 15.15 -9.86
CA PHE C 5 22.72 15.04 -8.50
C PHE C 5 23.17 13.63 -8.19
N PHE C 6 22.33 12.65 -8.46
CA PHE C 6 22.73 11.28 -8.18
C PHE C 6 23.92 10.86 -9.02
N LYS C 7 23.90 11.25 -10.30
CA LYS C 7 24.98 10.92 -11.24
C LYS C 7 26.33 11.49 -10.80
N ASP C 8 26.38 12.79 -10.56
CA ASP C 8 27.62 13.44 -10.12
C ASP C 8 28.19 12.86 -8.81
N ASN C 9 27.29 12.38 -7.93
CA ASN C 9 27.71 11.80 -6.64
C ASN C 9 28.39 10.47 -6.83
N CYS C 10 27.86 9.68 -7.74
CA CYS C 10 28.41 8.36 -8.03
C CYS C 10 29.74 8.53 -8.78
N ASN C 11 29.82 9.56 -9.63
CA ASN C 11 31.02 9.87 -10.41
C ASN C 11 32.27 10.01 -9.56
N ARG C 12 32.17 10.78 -8.48
CA ARG C 12 33.29 11.00 -7.59
C ARG C 12 33.73 9.75 -6.85
N THR C 13 33.24 8.58 -7.26
CA THR C 13 33.61 7.33 -6.59
C THR C 13 33.96 6.21 -7.57
N THR C 14 34.36 5.08 -6.98
CA THR C 14 34.75 3.83 -7.65
C THR C 14 33.54 3.11 -8.26
N ALA C 15 32.42 3.17 -7.55
CA ALA C 15 31.22 2.51 -7.99
C ALA C 15 30.85 2.85 -9.42
N SER C 16 30.05 1.99 -10.02
CA SER C 16 29.59 2.15 -11.38
C SER C 16 28.11 2.48 -11.34
N LEU C 17 27.72 3.59 -11.97
CA LEU C 17 26.32 3.98 -12.01
C LEU C 17 25.58 2.97 -12.86
N VAL C 18 24.38 2.57 -12.41
CA VAL C 18 23.55 1.62 -13.16
C VAL C 18 22.16 2.26 -13.19
N GLU C 19 21.78 2.78 -14.36
CA GLU C 19 20.48 3.45 -14.51
C GLU C 19 19.32 2.55 -14.93
N GLY C 20 18.11 3.04 -14.66
CA GLY C 20 16.87 2.35 -15.01
C GLY C 20 16.67 0.86 -14.78
N VAL C 21 17.23 0.31 -13.70
CA VAL C 21 17.06 -1.12 -13.41
C VAL C 21 15.67 -1.41 -12.87
N GLU C 22 15.19 -2.62 -13.13
CA GLU C 22 13.89 -3.04 -12.66
C GLU C 22 14.14 -4.28 -11.80
N LEU C 23 13.90 -4.14 -10.50
CA LEU C 23 14.12 -5.22 -9.57
C LEU C 23 12.87 -6.05 -9.58
N THR C 24 13.05 -7.36 -9.63
CA THR C 24 11.93 -8.29 -9.67
C THR C 24 11.93 -9.34 -8.57
N LYS C 25 13.02 -9.43 -7.82
CA LYS C 25 13.06 -10.40 -6.73
C LYS C 25 13.73 -9.77 -5.53
N TYR C 26 13.30 -10.17 -4.33
CA TYR C 26 13.84 -9.65 -3.08
C TYR C 26 14.18 -10.89 -2.26
N ILE C 27 15.42 -10.97 -1.78
CA ILE C 27 15.87 -12.17 -1.05
C ILE C 27 16.41 -11.90 0.35
N SER C 28 16.04 -12.75 1.29
CA SER C 28 16.55 -12.64 2.65
C SER C 28 17.16 -14.01 2.94
N ASP C 29 18.47 -14.01 3.15
CA ASP C 29 19.22 -15.25 3.36
C ASP C 29 20.02 -15.23 4.65
N ILE C 30 19.79 -16.23 5.51
CA ILE C 30 20.56 -16.30 6.74
C ILE C 30 21.51 -17.49 6.81
N ASN C 31 21.55 -18.30 5.74
CA ASN C 31 22.45 -19.46 5.67
C ASN C 31 23.89 -18.99 5.82
N ASN C 32 24.69 -19.77 6.57
CA ASN C 32 26.10 -19.46 6.83
C ASN C 32 26.82 -18.85 5.66
N ASN C 33 26.79 -19.59 4.58
CA ASN C 33 27.40 -19.23 3.32
C ASN C 33 26.95 -17.88 2.75
N THR C 34 25.65 -17.77 2.57
CA THR C 34 25.05 -16.60 1.96
C THR C 34 24.37 -15.53 2.82
N ASP C 35 24.78 -15.41 4.07
CA ASP C 35 24.18 -14.43 4.97
C ASP C 35 24.12 -13.00 4.36
N GLY C 36 22.92 -12.55 4.02
CA GLY C 36 22.76 -11.21 3.45
C GLY C 36 21.40 -10.91 2.83
N MET C 37 21.24 -9.68 2.38
CA MET C 37 20.02 -9.19 1.72
C MET C 37 20.35 -8.93 0.25
N TYR C 38 19.58 -9.51 -0.67
CA TYR C 38 19.87 -9.32 -2.10
C TYR C 38 18.63 -8.97 -2.88
N VAL C 39 18.86 -8.42 -4.06
CA VAL C 39 17.81 -8.00 -4.98
C VAL C 39 18.19 -8.54 -6.37
N VAL C 40 17.21 -8.86 -7.22
CA VAL C 40 17.49 -9.39 -8.58
C VAL C 40 16.72 -8.63 -9.66
N SER C 41 17.43 -8.14 -10.68
CA SER C 41 16.79 -7.39 -11.76
C SER C 41 16.11 -8.32 -12.73
N SER C 42 15.30 -7.75 -13.61
CA SER C 42 14.58 -8.53 -14.62
C SER C 42 15.52 -9.29 -15.57
N THR C 43 16.67 -8.69 -15.83
CA THR C 43 17.70 -9.24 -16.70
C THR C 43 18.51 -10.37 -16.06
N GLY C 44 18.20 -10.71 -14.80
CA GLY C 44 18.94 -11.77 -14.14
C GLY C 44 20.12 -11.26 -13.33
N GLY C 45 20.37 -9.96 -13.40
CA GLY C 45 21.45 -9.35 -12.63
C GLY C 45 21.17 -9.34 -11.13
N VAL C 46 22.22 -9.48 -10.33
CA VAL C 46 22.11 -9.53 -8.87
C VAL C 46 23.02 -8.56 -8.14
N TRP C 47 22.46 -7.97 -7.09
CA TRP C 47 23.19 -7.02 -6.25
C TRP C 47 22.96 -7.37 -4.79
N ARG C 48 23.82 -6.88 -3.93
CA ARG C 48 23.72 -7.09 -2.50
C ARG C 48 23.55 -5.72 -1.87
N ILE C 49 22.66 -5.62 -0.89
CA ILE C 49 22.40 -4.35 -0.24
C ILE C 49 23.33 -4.19 0.96
N SER C 50 23.91 -3.01 1.10
CA SER C 50 24.80 -2.76 2.23
C SER C 50 24.08 -2.80 3.59
N ARG C 51 24.78 -3.26 4.62
CA ARG C 51 24.22 -3.29 5.97
C ARG C 51 25.25 -2.65 6.90
N ALA C 52 24.80 -2.08 8.02
CA ALA C 52 25.69 -1.43 8.97
C ALA C 52 25.07 -1.42 10.36
N LYS C 53 25.86 -1.82 11.36
CA LYS C 53 25.38 -1.85 12.75
C LYS C 53 25.41 -0.43 13.33
N ASP C 54 26.45 0.31 12.96
CA ASP C 54 26.68 1.67 13.43
C ASP C 54 25.73 2.72 12.85
N TYR C 55 25.59 3.83 13.58
CA TYR C 55 24.77 4.97 13.17
C TYR C 55 25.75 5.94 12.51
N PRO C 56 25.31 6.73 11.51
CA PRO C 56 24.00 6.87 10.87
C PRO C 56 23.76 5.98 9.68
N ASP C 57 24.70 5.07 9.42
CA ASP C 57 24.58 4.20 8.26
C ASP C 57 23.54 3.15 8.43
N ASN C 58 23.24 2.82 9.68
CA ASN C 58 22.20 1.85 9.96
C ASN C 58 20.89 2.47 9.44
N VAL C 59 20.83 3.80 9.41
CA VAL C 59 19.65 4.50 8.91
C VAL C 59 19.60 4.37 7.39
N MET C 60 20.70 4.76 6.75
CA MET C 60 20.78 4.71 5.30
C MET C 60 20.57 3.32 4.73
N THR C 61 21.21 2.31 5.29
CA THR C 61 21.05 0.97 4.76
C THR C 61 19.66 0.41 4.96
N ALA C 62 18.99 0.84 6.01
CA ALA C 62 17.62 0.41 6.24
C ALA C 62 16.71 1.05 5.17
N GLU C 63 17.01 2.29 4.79
CA GLU C 63 16.24 2.97 3.75
C GLU C 63 16.46 2.27 2.40
N MET C 64 17.60 1.62 2.25
CA MET C 64 17.92 0.90 1.04
C MET C 64 17.03 -0.32 0.95
N ARG C 65 16.88 -1.04 2.04
CA ARG C 65 16.02 -2.22 2.04
C ARG C 65 14.56 -1.84 1.75
N LYS C 66 14.15 -0.66 2.21
CA LYS C 66 12.80 -0.18 1.98
C LYS C 66 12.65 0.18 0.50
N ILE C 67 13.64 0.88 -0.05
CA ILE C 67 13.61 1.24 -1.46
C ILE C 67 13.55 -0.04 -2.33
N ALA C 68 14.31 -1.07 -1.96
CA ALA C 68 14.34 -2.32 -2.71
C ALA C 68 12.99 -2.99 -2.70
N MET C 69 12.40 -3.10 -1.52
CA MET C 69 11.10 -3.73 -1.38
C MET C 69 10.05 -2.99 -2.20
N ALA C 70 10.07 -1.66 -2.15
CA ALA C 70 9.13 -0.83 -2.90
C ALA C 70 9.23 -1.07 -4.41
N ALA C 71 10.46 -1.01 -4.93
CA ALA C 71 10.72 -1.23 -6.35
C ALA C 71 10.18 -2.61 -6.78
N VAL C 72 10.49 -3.64 -6.01
CA VAL C 72 10.01 -4.98 -6.32
C VAL C 72 8.50 -5.11 -6.31
N LEU C 73 7.81 -4.28 -5.54
CA LEU C 73 6.37 -4.38 -5.49
C LEU C 73 5.71 -3.43 -6.46
N SER C 74 6.34 -2.28 -6.72
CA SER C 74 5.77 -1.28 -7.61
C SER C 74 6.17 -1.41 -9.09
N GLY C 75 7.27 -2.12 -9.35
CA GLY C 75 7.77 -2.23 -10.71
C GLY C 75 8.38 -0.88 -11.08
N MET C 76 8.72 -0.08 -10.07
CA MET C 76 9.31 1.25 -10.29
C MET C 76 10.79 1.08 -10.51
N ARG C 77 11.38 2.00 -11.23
CA ARG C 77 12.79 1.88 -11.53
C ARG C 77 13.76 2.57 -10.58
N VAL C 78 14.91 1.95 -10.43
CA VAL C 78 15.94 2.49 -9.57
C VAL C 78 17.25 2.69 -10.36
N ASN C 79 18.15 3.47 -9.80
CA ASN C 79 19.44 3.72 -10.38
C ASN C 79 20.33 3.47 -9.21
N MET C 80 21.33 2.61 -9.37
CA MET C 80 22.22 2.32 -8.27
C MET C 80 23.62 2.85 -8.53
N CYS C 81 24.48 2.66 -7.55
CA CYS C 81 25.86 3.06 -7.62
C CYS C 81 26.49 1.88 -6.90
N ALA C 82 26.89 0.87 -7.65
CA ALA C 82 27.45 -0.33 -7.05
C ALA C 82 28.95 -0.49 -7.22
N SER C 83 29.59 -1.02 -6.18
CA SER C 83 31.02 -1.25 -6.22
C SER C 83 31.25 -2.58 -6.89
N PRO C 84 31.99 -2.58 -8.02
CA PRO C 84 32.32 -3.76 -8.84
C PRO C 84 33.24 -4.73 -8.10
N ALA C 85 33.78 -4.28 -6.96
CA ALA C 85 34.69 -5.08 -6.15
C ALA C 85 34.19 -6.48 -5.76
N SER C 86 33.23 -6.53 -4.84
CA SER C 86 32.70 -7.79 -4.34
C SER C 86 31.75 -8.47 -5.33
N SER C 87 31.40 -9.72 -5.02
CA SER C 87 30.46 -10.46 -5.84
C SER C 87 29.51 -11.23 -4.91
N PRO C 88 28.20 -10.93 -5.00
CA PRO C 88 27.55 -9.96 -5.91
C PRO C 88 27.95 -8.53 -5.64
N ASN C 89 27.69 -7.67 -6.61
CA ASN C 89 28.02 -6.25 -6.50
C ASN C 89 27.26 -5.62 -5.34
N VAL C 90 27.91 -4.71 -4.63
CA VAL C 90 27.32 -4.06 -3.47
C VAL C 90 26.78 -2.66 -3.75
N ILE C 91 25.52 -2.45 -3.39
CA ILE C 91 24.86 -1.16 -3.62
C ILE C 91 25.32 -0.18 -2.56
N TRP C 92 25.83 0.97 -3.00
CA TRP C 92 26.33 2.02 -2.10
C TRP C 92 25.47 3.29 -2.14
N ALA C 93 24.53 3.33 -3.05
CA ALA C 93 23.62 4.47 -3.20
C ALA C 93 22.52 3.97 -4.11
N ILE C 94 21.30 4.36 -3.82
CA ILE C 94 20.19 3.91 -4.63
C ILE C 94 19.23 5.06 -4.80
N GLU C 95 18.52 5.05 -5.92
CA GLU C 95 17.58 6.11 -6.20
C GLU C 95 16.30 5.52 -6.76
N LEU C 96 15.19 5.75 -6.06
CA LEU C 96 13.90 5.27 -6.51
C LEU C 96 13.36 6.36 -7.42
N GLU C 97 12.83 5.96 -8.58
CA GLU C 97 12.26 6.92 -9.52
C GLU C 97 10.76 6.72 -9.59
N ALA C 98 10.01 7.81 -9.49
CA ALA C 98 8.55 7.74 -9.56
C ALA C 98 8.07 7.78 -11.02
N GLY D 1 -2.47 23.85 0.13
CA GLY D 1 -1.23 24.60 0.43
C GLY D 1 -0.84 24.29 1.86
N ALA D 2 0.23 24.92 2.36
CA ALA D 2 0.67 24.69 3.73
C ALA D 2 -0.46 25.13 4.64
N SER D 3 -0.73 24.33 5.66
CA SER D 3 -1.78 24.66 6.60
C SER D 3 -1.25 25.92 7.30
N GLN D 4 -2.14 26.69 7.93
CA GLN D 4 -1.73 27.89 8.64
C GLN D 4 -0.72 27.53 9.72
N PHE D 5 -1.00 26.45 10.41
CA PHE D 5 -0.13 25.99 11.49
C PHE D 5 1.29 25.79 11.00
N PHE D 6 1.41 25.20 9.82
CA PHE D 6 2.73 24.95 9.26
C PHE D 6 3.43 26.23 8.82
N LYS D 7 2.70 27.14 8.19
CA LYS D 7 3.28 28.39 7.73
C LYS D 7 3.78 29.15 8.92
N ASP D 8 2.86 29.45 9.83
CA ASP D 8 3.22 30.19 11.03
C ASP D 8 4.41 29.58 11.75
N ASN D 9 4.48 28.24 11.80
CA ASN D 9 5.57 27.54 12.47
C ASN D 9 6.90 27.77 11.76
N CYS D 10 6.88 27.69 10.44
CA CYS D 10 8.08 27.87 9.61
C CYS D 10 8.54 29.31 9.60
N ASN D 11 7.58 30.24 9.48
CA ASN D 11 7.87 31.67 9.48
C ASN D 11 8.41 32.18 10.82
N ARG D 12 8.33 31.31 11.84
CA ARG D 12 8.82 31.62 13.19
C ARG D 12 10.33 31.35 13.23
N THR D 13 10.81 30.52 12.30
CA THR D 13 12.23 30.14 12.19
C THR D 13 12.96 30.87 11.05
N THR D 14 14.24 30.54 10.91
CA THR D 14 15.14 31.09 9.88
C THR D 14 15.07 30.35 8.53
N ALA D 15 14.32 29.25 8.50
CA ALA D 15 14.18 28.47 7.30
C ALA D 15 13.20 29.16 6.36
N SER D 16 12.91 28.51 5.24
CA SER D 16 11.97 29.04 4.28
C SER D 16 10.92 28.01 3.95
N LEU D 17 9.69 28.48 3.73
CA LEU D 17 8.57 27.61 3.42
C LEU D 17 8.57 27.33 1.93
N VAL D 18 8.40 26.07 1.56
CA VAL D 18 8.36 25.64 0.16
C VAL D 18 7.08 24.84 0.03
N GLU D 19 6.09 25.40 -0.66
CA GLU D 19 4.78 24.75 -0.81
C GLU D 19 4.49 23.98 -2.10
N GLY D 20 3.65 22.96 -1.95
CA GLY D 20 3.23 22.15 -3.06
C GLY D 20 4.30 21.54 -3.93
N VAL D 21 5.28 20.87 -3.32
CA VAL D 21 6.36 20.24 -4.08
C VAL D 21 6.05 18.77 -4.37
N GLU D 22 6.41 18.31 -5.55
CA GLU D 22 6.19 16.92 -5.92
C GLU D 22 7.52 16.23 -5.89
N LEU D 23 7.65 15.23 -5.05
CA LEU D 23 8.89 14.50 -4.93
C LEU D 23 8.86 13.37 -5.94
N THR D 24 9.89 13.28 -6.76
CA THR D 24 9.91 12.22 -7.77
C THR D 24 11.04 11.23 -7.61
N LYS D 25 12.04 11.57 -6.79
CA LYS D 25 13.17 10.69 -6.57
C LYS D 25 13.44 10.60 -5.09
N TYR D 26 13.93 9.44 -4.65
CA TYR D 26 14.29 9.19 -3.26
C TYR D 26 15.65 8.51 -3.26
N ILE D 27 16.62 9.15 -2.62
CA ILE D 27 17.98 8.68 -2.58
C ILE D 27 18.47 8.29 -1.19
N SER D 28 19.15 7.16 -1.09
CA SER D 28 19.78 6.70 0.15
C SER D 28 21.25 6.54 -0.28
N ASP D 29 22.15 7.34 0.29
CA ASP D 29 23.54 7.34 -0.10
C ASP D 29 24.50 7.15 1.09
N ILE D 30 25.21 6.02 1.13
CA ILE D 30 26.17 5.81 2.22
C ILE D 30 27.61 6.17 1.82
N ASN D 31 27.81 6.56 0.55
CA ASN D 31 29.16 6.94 0.07
C ASN D 31 29.68 8.03 1.01
N ASN D 32 30.84 7.78 1.59
CA ASN D 32 31.41 8.71 2.55
C ASN D 32 31.86 10.06 2.01
N ASN D 33 30.90 10.96 1.88
CA ASN D 33 31.10 12.34 1.42
C ASN D 33 29.78 12.96 1.01
N THR D 34 28.84 12.10 0.61
CA THR D 34 27.51 12.50 0.21
C THR D 34 26.53 11.66 1.07
N ASP D 35 27.08 11.08 2.13
CA ASP D 35 26.35 10.24 3.06
C ASP D 35 25.11 11.00 3.53
N GLY D 36 23.93 10.42 3.26
CA GLY D 36 22.68 11.04 3.66
C GLY D 36 21.47 10.58 2.88
N MET D 37 20.32 11.17 3.17
CA MET D 37 19.06 10.86 2.50
C MET D 37 18.60 12.14 1.78
N TYR D 38 18.29 12.02 0.47
CA TYR D 38 17.86 13.19 -0.30
C TYR D 38 16.62 12.87 -1.09
N VAL D 39 15.93 13.93 -1.47
CA VAL D 39 14.72 13.84 -2.29
C VAL D 39 14.91 14.85 -3.39
N VAL D 40 14.36 14.54 -4.55
CA VAL D 40 14.47 15.44 -5.67
C VAL D 40 13.06 15.68 -6.14
N SER D 41 12.73 16.93 -6.40
CA SER D 41 11.40 17.27 -6.83
C SER D 41 11.29 17.16 -8.34
N SER D 42 10.06 17.28 -8.84
CA SER D 42 9.77 17.22 -10.26
C SER D 42 10.49 18.35 -10.99
N THR D 43 10.76 19.42 -10.25
CA THR D 43 11.45 20.59 -10.78
C THR D 43 12.97 20.50 -10.61
N GLY D 44 13.48 19.29 -10.35
CA GLY D 44 14.92 19.10 -10.20
C GLY D 44 15.54 19.49 -8.87
N GLY D 45 14.85 20.31 -8.06
CA GLY D 45 15.35 20.73 -6.76
C GLY D 45 15.74 19.56 -5.86
N VAL D 46 16.82 19.74 -5.10
CA VAL D 46 17.34 18.70 -4.20
C VAL D 46 17.35 19.19 -2.76
N TRP D 47 16.97 18.30 -1.84
CA TRP D 47 16.99 18.61 -0.40
C TRP D 47 17.48 17.40 0.34
N ARG D 48 18.08 17.64 1.49
CA ARG D 48 18.57 16.59 2.35
C ARG D 48 17.56 16.48 3.52
N ILE D 49 17.30 15.27 3.98
CA ILE D 49 16.38 15.07 5.09
C ILE D 49 17.27 15.03 6.36
N SER D 50 16.85 15.71 7.43
CA SER D 50 17.62 15.72 8.69
C SER D 50 17.69 14.33 9.30
N ARG D 51 18.76 14.06 10.04
CA ARG D 51 18.85 12.78 10.73
C ARG D 51 19.11 13.14 12.18
N ALA D 52 18.92 12.18 13.08
CA ALA D 52 19.14 12.43 14.49
C ALA D 52 19.32 11.12 15.19
N LYS D 53 20.21 11.13 16.16
CA LYS D 53 20.50 9.93 16.93
C LYS D 53 19.64 9.85 18.20
N ASP D 54 19.53 10.95 18.92
CA ASP D 54 18.80 11.01 20.18
C ASP D 54 17.31 11.23 20.19
N TYR D 55 16.70 10.89 21.32
CA TYR D 55 15.27 11.08 21.56
C TYR D 55 15.08 12.57 21.88
N PRO D 56 14.01 13.20 21.40
CA PRO D 56 12.90 12.71 20.57
C PRO D 56 13.08 12.95 19.06
N ASP D 57 14.10 13.66 18.65
CA ASP D 57 14.28 13.93 17.23
C ASP D 57 14.52 12.72 16.33
N ASN D 58 14.99 11.62 16.88
CA ASN D 58 15.21 10.41 16.11
C ASN D 58 13.86 9.85 15.64
N VAL D 59 12.78 10.26 16.30
CA VAL D 59 11.42 9.85 15.96
C VAL D 59 10.88 10.77 14.85
N MET D 60 11.08 12.06 15.01
CA MET D 60 10.64 13.03 14.02
C MET D 60 11.38 12.82 12.69
N THR D 61 12.68 12.51 12.71
CA THR D 61 13.42 12.30 11.47
C THR D 61 12.96 11.00 10.78
N ALA D 62 12.77 9.94 11.56
CA ALA D 62 12.27 8.68 11.01
C ALA D 62 10.92 8.91 10.28
N GLU D 63 10.05 9.74 10.86
CA GLU D 63 8.76 10.02 10.24
C GLU D 63 8.95 10.88 9.01
N MET D 64 9.96 11.74 9.04
CA MET D 64 10.30 12.62 7.91
C MET D 64 10.66 11.73 6.71
N ARG D 65 11.43 10.69 6.94
CA ARG D 65 11.80 9.78 5.87
C ARG D 65 10.57 9.05 5.38
N LYS D 66 9.73 8.60 6.30
CA LYS D 66 8.51 7.89 5.94
C LYS D 66 7.56 8.77 5.14
N ILE D 67 7.53 10.05 5.49
CA ILE D 67 6.70 11.03 4.78
C ILE D 67 7.26 11.25 3.34
N ALA D 68 8.59 11.39 3.23
CA ALA D 68 9.28 11.61 1.96
C ALA D 68 9.00 10.47 1.02
N MET D 69 9.22 9.25 1.49
CA MET D 69 8.96 8.09 0.68
C MET D 69 7.50 7.93 0.30
N ALA D 70 6.58 8.23 1.22
CA ALA D 70 5.15 8.10 0.90
C ALA D 70 4.77 9.10 -0.19
N ALA D 71 5.41 10.28 -0.17
CA ALA D 71 5.16 11.31 -1.18
C ALA D 71 5.66 10.79 -2.54
N VAL D 72 6.84 10.18 -2.55
CA VAL D 72 7.43 9.63 -3.78
C VAL D 72 6.56 8.53 -4.36
N LEU D 73 6.11 7.62 -3.48
CA LEU D 73 5.29 6.49 -3.91
C LEU D 73 3.86 6.80 -4.31
N SER D 74 3.31 7.91 -3.85
CA SER D 74 1.92 8.23 -4.17
C SER D 74 1.66 9.50 -4.99
N GLY D 75 2.66 10.36 -5.17
CA GLY D 75 2.40 11.57 -5.92
C GLY D 75 1.67 12.62 -5.10
N MET D 76 1.61 12.41 -3.80
CA MET D 76 0.97 13.39 -2.93
C MET D 76 2.04 14.43 -2.66
N ARG D 77 1.68 15.70 -2.81
CA ARG D 77 2.59 16.82 -2.62
C ARG D 77 2.97 17.07 -1.17
N VAL D 78 4.06 17.79 -0.96
CA VAL D 78 4.56 18.11 0.37
C VAL D 78 4.96 19.57 0.47
N ASN D 79 4.84 20.11 1.67
CA ASN D 79 5.22 21.48 1.93
C ASN D 79 6.43 21.33 2.80
N MET D 80 7.41 22.22 2.68
CA MET D 80 8.61 22.09 3.47
C MET D 80 9.05 23.36 4.14
N CYS D 81 9.88 23.19 5.15
CA CYS D 81 10.46 24.30 5.86
C CYS D 81 11.92 23.87 5.86
N ALA D 82 12.70 24.42 4.94
CA ALA D 82 14.10 24.04 4.81
C ALA D 82 15.10 25.15 5.03
N SER D 83 16.25 24.78 5.58
CA SER D 83 17.34 25.69 5.84
C SER D 83 18.13 25.91 4.57
N PRO D 84 18.20 27.16 4.10
CA PRO D 84 18.94 27.51 2.89
C PRO D 84 20.41 27.71 3.22
N ALA D 85 20.79 27.36 4.45
CA ALA D 85 22.17 27.53 4.90
C ALA D 85 23.10 26.43 4.43
N SER D 86 22.58 25.54 3.59
CA SER D 86 23.40 24.44 3.11
C SER D 86 22.93 24.09 1.70
N SER D 87 23.79 23.39 0.97
CA SER D 87 23.46 22.96 -0.36
C SER D 87 23.92 21.51 -0.50
N PRO D 88 22.97 20.57 -0.65
CA PRO D 88 21.52 20.86 -0.69
C PRO D 88 20.84 21.37 0.63
N ASN D 89 19.77 22.14 0.48
CA ASN D 89 19.02 22.69 1.59
C ASN D 89 18.57 21.55 2.48
N VAL D 90 18.51 21.79 3.78
CA VAL D 90 18.10 20.74 4.70
C VAL D 90 16.69 20.96 5.17
N ILE D 91 15.93 19.88 5.20
CA ILE D 91 14.52 19.90 5.64
C ILE D 91 14.38 19.90 7.18
N TRP D 92 13.77 20.95 7.73
CA TRP D 92 13.54 21.02 9.18
C TRP D 92 12.12 20.68 9.58
N ALA D 93 11.24 20.65 8.60
CA ALA D 93 9.86 20.33 8.86
C ALA D 93 9.24 20.01 7.53
N ILE D 94 8.40 18.98 7.52
CA ILE D 94 7.73 18.55 6.32
C ILE D 94 6.28 18.23 6.65
N GLU D 95 5.41 18.48 5.67
CA GLU D 95 4.00 18.22 5.85
C GLU D 95 3.48 17.50 4.63
N LEU D 96 3.00 16.28 4.82
CA LEU D 96 2.43 15.51 3.73
C LEU D 96 1.01 15.98 3.51
N GLU D 97 0.68 16.47 2.32
CA GLU D 97 -0.68 16.89 2.09
C GLU D 97 -1.40 15.95 1.12
N ALA D 98 -2.50 15.37 1.58
CA ALA D 98 -3.31 14.43 0.81
C ALA D 98 -4.22 15.13 -0.20
N GLY E 1 -19.05 5.81 13.63
CA GLY E 1 -18.64 6.69 14.76
C GLY E 1 -17.76 5.91 15.71
N ALA E 2 -17.43 6.47 16.87
CA ALA E 2 -16.58 5.75 17.82
C ALA E 2 -17.29 4.50 18.33
N SER E 3 -16.52 3.47 18.61
CA SER E 3 -17.10 2.26 19.15
C SER E 3 -17.56 2.67 20.55
N GLN E 4 -18.49 1.91 21.13
CA GLN E 4 -18.99 2.22 22.45
C GLN E 4 -17.83 2.19 23.43
N PHE E 5 -16.92 1.24 23.22
CA PHE E 5 -15.74 1.08 24.05
C PHE E 5 -14.92 2.35 24.05
N PHE E 6 -14.65 2.86 22.86
CA PHE E 6 -13.85 4.06 22.72
C PHE E 6 -14.54 5.27 23.34
N LYS E 7 -15.84 5.44 23.06
CA LYS E 7 -16.61 6.56 23.62
C LYS E 7 -16.54 6.55 25.17
N ASP E 8 -16.83 5.39 25.76
CA ASP E 8 -16.83 5.24 27.21
C ASP E 8 -15.50 5.50 27.85
N ASN E 9 -14.44 4.96 27.27
CA ASN E 9 -13.11 5.15 27.82
C ASN E 9 -12.74 6.62 27.83
N CYS E 10 -13.07 7.33 26.76
CA CYS E 10 -12.77 8.76 26.65
C CYS E 10 -13.60 9.58 27.66
N ASN E 11 -14.87 9.23 27.79
CA ASN E 11 -15.78 9.93 28.69
C ASN E 11 -15.33 9.84 30.13
N ARG E 12 -14.58 8.79 30.45
CA ARG E 12 -14.08 8.62 31.79
C ARG E 12 -12.88 9.52 32.02
N THR E 13 -12.54 10.38 31.06
CA THR E 13 -11.35 11.22 31.23
C THR E 13 -11.68 12.69 31.09
N THR E 14 -10.71 13.58 31.30
CA THR E 14 -10.92 15.01 31.16
C THR E 14 -10.77 15.49 29.70
N ALA E 15 -10.48 14.56 28.78
CA ALA E 15 -10.27 14.90 27.37
C ALA E 15 -11.58 14.88 26.57
N SER E 16 -11.57 15.51 25.40
CA SER E 16 -12.75 15.55 24.57
C SER E 16 -12.72 14.50 23.47
N LEU E 17 -13.90 13.98 23.15
CA LEU E 17 -14.08 12.99 22.11
C LEU E 17 -14.40 13.72 20.81
N VAL E 18 -13.57 13.52 19.79
CA VAL E 18 -13.77 14.12 18.47
C VAL E 18 -14.06 12.91 17.59
N GLU E 19 -15.20 12.92 16.95
CA GLU E 19 -15.60 11.79 16.12
C GLU E 19 -15.55 12.01 14.60
N GLY E 20 -15.32 10.90 13.88
CA GLY E 20 -15.28 10.94 12.42
C GLY E 20 -14.45 12.03 11.78
N VAL E 21 -13.21 12.19 12.24
CA VAL E 21 -12.32 13.20 11.69
C VAL E 21 -11.59 12.71 10.43
N GLU E 22 -11.51 13.58 9.43
CA GLU E 22 -10.82 13.28 8.18
C GLU E 22 -9.48 14.06 8.19
N LEU E 23 -8.40 13.33 8.44
CA LEU E 23 -7.08 13.93 8.48
C LEU E 23 -6.54 14.06 7.05
N THR E 24 -5.93 15.19 6.74
CA THR E 24 -5.41 15.38 5.39
C THR E 24 -3.97 15.90 5.34
N LYS E 25 -3.39 16.17 6.49
CA LYS E 25 -2.03 16.64 6.54
C LYS E 25 -1.33 16.00 7.71
N TYR E 26 -0.11 15.55 7.49
CA TYR E 26 0.70 14.91 8.50
C TYR E 26 1.98 15.72 8.57
N ILE E 27 2.30 16.21 9.76
CA ILE E 27 3.45 17.06 9.96
C ILE E 27 4.51 16.45 10.85
N SER E 28 5.77 16.59 10.46
CA SER E 28 6.92 16.15 11.27
C SER E 28 7.76 17.45 11.32
N ASP E 29 8.09 17.88 12.54
CA ASP E 29 8.79 19.16 12.75
C ASP E 29 9.87 19.02 13.82
N ILE E 30 11.08 19.46 13.52
CA ILE E 30 12.16 19.38 14.51
C ILE E 30 12.66 20.77 14.91
N ASN E 31 11.98 21.80 14.43
CA ASN E 31 12.35 23.16 14.78
C ASN E 31 12.19 23.25 16.30
N ASN E 32 13.21 23.77 16.95
CA ASN E 32 13.28 23.91 18.40
C ASN E 32 12.03 24.33 19.19
N ASN E 33 11.15 25.09 18.59
CA ASN E 33 9.96 25.57 19.27
C ASN E 33 8.78 24.61 19.15
N THR E 34 8.52 24.20 17.92
CA THR E 34 7.41 23.33 17.56
C THR E 34 7.82 21.89 17.27
N ASP E 35 8.79 21.40 18.02
CA ASP E 35 9.33 20.06 17.87
C ASP E 35 8.27 18.98 18.17
N GLY E 36 7.73 18.34 17.15
CA GLY E 36 6.74 17.29 17.37
C GLY E 36 6.01 16.84 16.11
N MET E 37 5.12 15.87 16.25
CA MET E 37 4.32 15.31 15.15
C MET E 37 2.91 15.87 15.28
N TYR E 38 2.27 16.24 14.17
CA TYR E 38 0.93 16.83 14.20
C TYR E 38 0.12 16.32 13.06
N VAL E 39 -1.20 16.47 13.16
CA VAL E 39 -2.13 16.06 12.09
C VAL E 39 -3.14 17.20 11.91
N VAL E 40 -3.64 17.38 10.69
CA VAL E 40 -4.60 18.45 10.38
C VAL E 40 -5.80 17.82 9.73
N SER E 41 -6.98 18.22 10.18
CA SER E 41 -8.22 17.68 9.63
C SER E 41 -8.57 18.47 8.40
N SER E 42 -9.55 17.98 7.65
CA SER E 42 -9.97 18.66 6.44
C SER E 42 -10.56 20.05 6.74
N THR E 43 -10.90 20.29 8.02
CA THR E 43 -11.47 21.57 8.45
C THR E 43 -10.45 22.51 9.07
N GLY E 44 -9.20 22.09 9.16
CA GLY E 44 -8.19 22.97 9.73
C GLY E 44 -7.88 22.72 11.18
N GLY E 45 -8.45 21.66 11.74
CA GLY E 45 -8.20 21.32 13.12
C GLY E 45 -6.80 20.76 13.20
N VAL E 46 -6.07 21.07 14.26
CA VAL E 46 -4.69 20.61 14.46
C VAL E 46 -4.49 19.90 15.80
N TRP E 47 -3.88 18.72 15.79
CA TRP E 47 -3.63 17.99 17.03
C TRP E 47 -2.18 17.54 17.08
N ARG E 48 -1.64 17.48 18.28
CA ARG E 48 -0.29 17.02 18.46
C ARG E 48 -0.39 15.57 18.88
N ILE E 49 0.47 14.71 18.32
CA ILE E 49 0.45 13.30 18.67
C ILE E 49 1.38 13.15 19.83
N SER E 50 1.08 12.30 20.75
CA SER E 50 1.91 12.19 21.91
C SER E 50 3.09 11.28 21.71
N ARG E 51 4.10 11.57 22.51
CA ARG E 51 5.32 10.82 22.48
C ARG E 51 5.71 10.31 23.87
N ALA E 52 6.33 9.15 23.95
CA ALA E 52 6.75 8.59 25.23
C ALA E 52 8.06 7.87 24.99
N LYS E 53 9.04 8.17 25.82
CA LYS E 53 10.35 7.57 25.67
C LYS E 53 10.41 6.12 26.11
N ASP E 54 9.65 5.79 27.15
CA ASP E 54 9.66 4.46 27.76
C ASP E 54 8.56 3.49 27.43
N TYR E 55 8.85 2.22 27.70
CA TYR E 55 7.94 1.10 27.51
C TYR E 55 6.97 1.10 28.70
N PRO E 56 5.68 0.81 28.48
CA PRO E 56 5.02 0.47 27.21
C PRO E 56 4.43 1.59 26.38
N ASP E 57 4.46 2.83 26.85
CA ASP E 57 3.84 3.91 26.10
C ASP E 57 4.48 4.25 24.77
N ASN E 58 5.76 3.91 24.60
CA ASN E 58 6.45 4.13 23.30
C ASN E 58 5.85 3.24 22.19
N VAL E 59 5.35 2.06 22.59
CA VAL E 59 4.69 1.14 21.70
C VAL E 59 3.39 1.80 21.24
N MET E 60 2.61 2.33 22.19
CA MET E 60 1.32 2.96 21.89
C MET E 60 1.45 4.22 21.06
N THR E 61 2.41 5.09 21.41
CA THR E 61 2.61 6.32 20.67
C THR E 61 3.13 6.03 19.24
N ALA E 62 3.95 4.97 19.07
CA ALA E 62 4.44 4.56 17.76
C ALA E 62 3.23 4.15 16.92
N GLU E 63 2.27 3.43 17.51
CA GLU E 63 1.08 3.03 16.79
C GLU E 63 0.17 4.20 16.41
N MET E 64 0.23 5.28 17.18
CA MET E 64 -0.57 6.47 16.89
C MET E 64 -0.04 7.11 15.62
N ARG E 65 1.29 7.14 15.45
CA ARG E 65 1.92 7.71 14.26
C ARG E 65 1.57 6.85 13.04
N LYS E 66 1.53 5.54 13.23
CA LYS E 66 1.18 4.65 12.14
C LYS E 66 -0.27 4.91 11.73
N ILE E 67 -1.14 5.08 12.72
CA ILE E 67 -2.56 5.34 12.47
C ILE E 67 -2.77 6.68 11.75
N ALA E 68 -2.04 7.69 12.17
CA ALA E 68 -2.16 9.00 11.57
C ALA E 68 -1.70 8.92 10.10
N MET E 69 -0.58 8.25 9.85
CA MET E 69 -0.06 8.10 8.49
C MET E 69 -1.09 7.36 7.64
N ALA E 70 -1.58 6.24 8.15
CA ALA E 70 -2.57 5.45 7.42
C ALA E 70 -3.84 6.22 7.11
N ALA E 71 -4.31 7.03 8.06
CA ALA E 71 -5.52 7.80 7.85
C ALA E 71 -5.34 8.86 6.76
N VAL E 72 -4.24 9.61 6.82
CA VAL E 72 -3.96 10.65 5.82
C VAL E 72 -3.81 10.09 4.39
N LEU E 73 -3.10 8.97 4.25
CA LEU E 73 -2.87 8.34 2.96
C LEU E 73 -4.13 7.79 2.36
N SER E 74 -4.84 6.99 3.14
CA SER E 74 -6.04 6.30 2.68
C SER E 74 -7.34 7.05 2.72
N GLY E 75 -7.44 8.04 3.59
CA GLY E 75 -8.68 8.77 3.71
C GLY E 75 -9.63 8.14 4.72
N MET E 76 -9.15 7.14 5.45
CA MET E 76 -10.00 6.50 6.49
C MET E 76 -10.14 7.44 7.68
N ARG E 77 -11.32 7.45 8.30
CA ARG E 77 -11.50 8.36 9.41
C ARG E 77 -10.99 7.84 10.72
N VAL E 78 -10.87 8.78 11.64
CA VAL E 78 -10.41 8.51 12.99
C VAL E 78 -11.31 9.21 14.03
N ASN E 79 -11.32 8.67 15.24
CA ASN E 79 -12.07 9.22 16.36
C ASN E 79 -10.97 9.47 17.34
N MET E 80 -10.89 10.66 17.90
CA MET E 80 -9.80 10.93 18.84
C MET E 80 -10.31 11.32 20.23
N CYS E 81 -9.47 11.12 21.24
CA CYS E 81 -9.79 11.54 22.59
C CYS E 81 -8.66 12.50 22.84
N ALA E 82 -8.92 13.79 22.67
CA ALA E 82 -7.90 14.83 22.82
C ALA E 82 -8.02 15.74 24.05
N SER E 83 -6.89 16.01 24.69
CA SER E 83 -6.84 16.87 25.85
C SER E 83 -6.67 18.29 25.39
N PRO E 84 -7.64 19.14 25.75
CA PRO E 84 -7.63 20.56 25.40
C PRO E 84 -6.67 21.37 26.27
N ALA E 85 -6.04 20.71 27.22
CA ALA E 85 -5.09 21.36 28.14
C ALA E 85 -4.00 22.12 27.38
N SER E 86 -3.58 21.58 26.25
CA SER E 86 -2.56 22.24 25.45
C SER E 86 -3.16 22.64 24.13
N SER E 87 -2.50 23.57 23.45
CA SER E 87 -2.94 24.02 22.13
C SER E 87 -1.73 24.02 21.22
N PRO E 88 -1.74 23.19 20.16
CA PRO E 88 -2.87 22.30 19.84
C PRO E 88 -3.13 21.18 20.84
N ASN E 89 -4.35 20.68 20.80
CA ASN E 89 -4.74 19.61 21.70
C ASN E 89 -3.95 18.35 21.47
N VAL E 90 -3.54 17.72 22.56
CA VAL E 90 -2.78 16.49 22.53
C VAL E 90 -3.71 15.28 22.39
N ILE E 91 -3.26 14.27 21.65
CA ILE E 91 -4.05 13.04 21.46
C ILE E 91 -3.68 12.02 22.54
N TRP E 92 -4.68 11.54 23.29
CA TRP E 92 -4.43 10.55 24.33
C TRP E 92 -4.89 9.16 23.88
N ALA E 93 -5.79 9.12 22.93
CA ALA E 93 -6.29 7.86 22.39
C ALA E 93 -6.79 8.19 21.00
N ILE E 94 -6.65 7.24 20.09
CA ILE E 94 -7.08 7.45 18.72
C ILE E 94 -7.60 6.13 18.22
N GLU E 95 -8.68 6.16 17.46
CA GLU E 95 -9.26 4.94 16.95
C GLU E 95 -9.33 5.00 15.43
N LEU E 96 -8.68 4.07 14.74
CA LEU E 96 -8.76 4.04 13.28
C LEU E 96 -10.01 3.25 12.95
N GLU E 97 -10.89 3.82 12.13
CA GLU E 97 -12.10 3.12 11.76
C GLU E 97 -12.22 2.87 10.26
N ALA E 98 -12.73 1.70 9.89
CA ALA E 98 -12.92 1.34 8.48
C ALA E 98 -14.37 1.58 8.02
N ASN F 1 -8.08 13.51 -13.33
CA ASN F 1 -9.35 13.46 -14.12
C ASN F 1 -10.35 12.56 -13.43
N ASP F 2 -11.63 12.83 -13.66
CA ASP F 2 -12.70 12.04 -13.09
C ASP F 2 -13.55 11.65 -14.25
N TYR F 3 -14.16 10.50 -14.17
CA TYR F 3 -15.02 10.02 -15.20
C TYR F 3 -16.32 9.78 -14.49
N PHE F 4 -17.39 9.65 -15.25
CA PHE F 4 -18.70 9.51 -14.68
C PHE F 4 -19.52 8.44 -15.33
N ARG F 5 -20.25 7.69 -14.53
CA ARG F 5 -21.10 6.63 -15.05
C ARG F 5 -22.50 6.64 -14.44
N ALA F 6 -23.52 6.76 -15.27
CA ALA F 6 -24.88 6.69 -14.80
C ALA F 6 -25.14 5.18 -14.79
N ASP F 7 -25.58 4.65 -13.65
CA ASP F 7 -25.82 3.22 -13.48
C ASP F 7 -27.10 3.01 -12.65
N SER F 8 -27.87 1.96 -12.93
CA SER F 8 -29.10 1.68 -12.19
C SER F 8 -28.88 0.88 -10.88
N ARG F 9 -27.64 0.47 -10.62
CA ARG F 9 -27.30 -0.28 -9.44
C ARG F 9 -27.03 0.64 -8.27
N THR F 10 -27.62 0.29 -7.13
CA THR F 10 -27.51 1.06 -5.91
C THR F 10 -26.15 0.87 -5.28
N PRO F 11 -25.69 1.87 -4.52
CA PRO F 11 -24.40 1.81 -3.85
C PRO F 11 -24.18 0.53 -3.04
N ASP F 12 -25.27 -0.04 -2.56
CA ASP F 12 -25.20 -1.27 -1.78
C ASP F 12 -24.89 -2.43 -2.67
N GLU F 13 -25.46 -2.42 -3.88
CA GLU F 13 -25.21 -3.48 -4.85
C GLU F 13 -23.75 -3.40 -5.27
N VAL F 14 -23.30 -2.19 -5.55
CA VAL F 14 -21.92 -1.97 -5.96
C VAL F 14 -20.98 -2.48 -4.86
N ARG F 15 -21.27 -2.15 -3.61
CA ARG F 15 -20.45 -2.61 -2.49
C ARG F 15 -20.38 -4.11 -2.44
N ARG F 16 -21.52 -4.75 -2.67
CA ARG F 16 -21.56 -6.20 -2.63
C ARG F 16 -20.79 -6.82 -3.80
N SER F 17 -20.84 -6.14 -4.95
CA SER F 17 -20.13 -6.60 -6.14
C SER F 17 -18.64 -6.26 -6.07
N GLY F 18 -18.25 -5.35 -5.17
CA GLY F 18 -16.85 -4.96 -5.05
C GLY F 18 -16.52 -3.87 -6.04
N GLY F 19 -17.55 -3.38 -6.72
CA GLY F 19 -17.39 -2.32 -7.70
C GLY F 19 -18.49 -2.41 -8.75
N LEU F 20 -18.27 -1.70 -9.85
CA LEU F 20 -19.21 -1.71 -10.97
C LEU F 20 -18.62 -2.74 -11.92
N ILE F 21 -19.19 -3.94 -11.92
CA ILE F 21 -18.70 -5.01 -12.76
C ILE F 21 -19.47 -5.13 -14.07
N PRO F 22 -18.83 -5.71 -15.10
CA PRO F 22 -19.49 -5.87 -16.40
C PRO F 22 -20.65 -6.84 -16.29
N ARG F 23 -21.54 -6.78 -17.27
CA ARG F 23 -22.72 -7.63 -17.32
C ARG F 23 -22.48 -9.15 -17.33
N GLY F 24 -21.32 -9.57 -17.83
CA GLY F 24 -21.04 -11.00 -17.91
C GLY F 24 -20.25 -11.59 -16.76
N GLN F 25 -20.05 -10.83 -15.70
CA GLN F 25 -19.30 -11.33 -14.55
C GLN F 25 -20.23 -11.52 -13.37
N ASP F 26 -20.23 -12.72 -12.80
CA ASP F 26 -21.12 -13.01 -11.69
C ASP F 26 -20.53 -12.87 -10.31
N GLU F 27 -19.21 -12.87 -10.23
CA GLU F 27 -18.53 -12.74 -8.95
C GLU F 27 -18.03 -11.33 -8.68
N ALA F 28 -17.67 -11.06 -7.43
CA ALA F 28 -17.14 -9.76 -7.04
C ALA F 28 -16.00 -9.43 -7.98
N TYR F 29 -15.69 -8.15 -8.11
CA TYR F 29 -14.63 -7.67 -8.99
C TYR F 29 -13.35 -8.50 -8.88
N GLU F 30 -12.74 -8.52 -7.71
CA GLU F 30 -11.52 -9.25 -7.50
C GLU F 30 -11.60 -10.77 -7.66
N ARG F 31 -12.81 -11.32 -7.61
CA ARG F 31 -12.97 -12.78 -7.71
C ARG F 31 -13.12 -13.34 -9.11
N GLY F 32 -14.06 -12.80 -9.88
CA GLY F 32 -14.31 -13.30 -11.22
C GLY F 32 -13.79 -12.45 -12.37
N THR F 33 -14.21 -12.78 -13.60
CA THR F 33 -13.80 -12.08 -14.82
C THR F 33 -14.95 -12.12 -15.83
N PRO F 34 -14.95 -11.18 -16.80
CA PRO F 34 -16.03 -11.18 -17.81
C PRO F 34 -15.82 -12.47 -18.60
N ILE F 35 -16.87 -13.10 -19.10
CA ILE F 35 -16.66 -14.34 -19.85
C ILE F 35 -16.05 -14.05 -21.23
N ASN F 36 -16.28 -12.84 -21.73
CA ASN F 36 -15.73 -12.41 -23.01
C ASN F 36 -15.47 -10.92 -22.97
N ILE F 37 -14.27 -10.51 -23.38
CA ILE F 37 -13.88 -9.12 -23.42
C ILE F 37 -13.60 -8.73 -24.87
N ASN F 38 -14.27 -7.71 -25.38
CA ASN F 38 -14.06 -7.23 -26.75
C ASN F 38 -14.51 -5.77 -26.82
N LEU F 39 -13.55 -4.85 -26.94
CA LEU F 39 -13.88 -3.42 -26.99
C LEU F 39 -14.82 -3.02 -28.11
N TYR F 40 -14.60 -3.54 -29.32
CA TYR F 40 -15.43 -3.20 -30.45
C TYR F 40 -16.88 -3.63 -30.27
N ASP F 41 -17.08 -4.88 -29.87
CA ASP F 41 -18.40 -5.41 -29.63
C ASP F 41 -19.09 -4.63 -28.51
N HIS F 42 -18.33 -4.29 -27.48
CA HIS F 42 -18.85 -3.54 -26.35
C HIS F 42 -19.38 -2.16 -26.74
N ALA F 43 -18.63 -1.42 -27.57
CA ALA F 43 -19.04 -0.08 -27.95
C ALA F 43 -20.32 -0.07 -28.79
N ARG F 44 -20.63 -1.20 -29.42
CA ARG F 44 -21.83 -1.33 -30.25
C ARG F 44 -23.04 -1.88 -29.46
N GLY F 45 -22.76 -2.57 -28.35
CA GLY F 45 -23.80 -3.17 -27.54
C GLY F 45 -24.83 -2.23 -26.96
N THR F 46 -26.11 -2.53 -27.24
CA THR F 46 -27.23 -1.74 -26.70
C THR F 46 -27.52 -2.28 -25.31
N THR F 48 -29.53 -2.72 -21.78
CA THR F 48 -30.92 -2.95 -21.43
C THR F 48 -30.98 -2.93 -19.90
N GLY F 49 -31.61 -1.88 -19.37
CA GLY F 49 -31.74 -1.73 -17.93
C GLY F 49 -30.53 -1.07 -17.29
N ASN F 50 -29.60 -0.66 -18.14
CA ASN F 50 -28.38 -0.02 -17.66
C ASN F 50 -27.72 0.61 -18.84
N THR F 51 -26.63 1.34 -18.59
CA THR F 51 -25.83 1.98 -19.63
C THR F 51 -24.79 0.94 -20.05
N ARG F 52 -24.30 1.03 -21.29
CA ARG F 52 -23.33 0.09 -21.84
C ARG F 52 -22.34 -0.54 -20.86
N TYR F 53 -22.42 -1.85 -20.69
CA TYR F 53 -21.49 -2.54 -19.81
C TYR F 53 -21.39 -4.00 -20.23
N ASN F 54 -21.60 -4.21 -21.52
CA ASN F 54 -21.51 -5.53 -22.08
C ASN F 54 -20.10 -5.83 -22.63
N ASP F 55 -19.80 -7.10 -22.84
CA ASP F 55 -18.53 -7.53 -23.40
C ASP F 55 -17.28 -7.13 -22.63
N GLY F 56 -17.31 -7.38 -21.33
CA GLY F 56 -16.17 -7.11 -20.47
C GLY F 56 -15.76 -5.71 -20.13
N TYR F 57 -16.54 -4.72 -20.55
CA TYR F 57 -16.19 -3.34 -20.26
C TYR F 57 -17.39 -2.62 -19.62
N VAL F 58 -17.10 -1.59 -18.86
CA VAL F 58 -18.12 -0.76 -18.21
C VAL F 58 -17.92 0.67 -18.71
N SER F 59 -18.94 1.19 -19.36
CA SER F 59 -18.94 2.53 -19.91
C SER F 59 -18.91 3.68 -18.87
N THR F 60 -18.12 4.71 -19.17
CA THR F 60 -18.04 5.91 -18.35
C THR F 60 -17.92 7.05 -19.36
N THR F 61 -18.21 8.28 -18.95
CA THR F 61 -18.09 9.41 -19.86
C THR F 61 -17.29 10.49 -19.15
N THR F 62 -17.02 11.59 -19.83
CA THR F 62 -16.17 12.65 -19.28
C THR F 62 -16.73 13.76 -18.38
N THR F 63 -18.05 13.91 -18.30
CA THR F 63 -18.63 14.98 -17.48
C THR F 63 -19.87 14.49 -16.77
N LEU F 64 -20.27 15.23 -15.74
CA LEU F 64 -21.47 14.90 -14.97
C LEU F 64 -22.67 15.17 -15.86
N ARG F 65 -22.62 16.31 -16.53
CA ARG F 65 -23.67 16.72 -17.43
C ARG F 65 -23.93 15.62 -18.45
N GLN F 66 -22.87 15.10 -19.05
CA GLN F 66 -23.07 14.07 -20.05
C GLN F 66 -23.51 12.75 -19.47
N ALA F 67 -22.95 12.35 -18.31
CA ALA F 67 -23.36 11.10 -17.69
C ALA F 67 -24.85 11.20 -17.38
N HIS F 68 -25.28 12.41 -17.01
CA HIS F 68 -26.66 12.69 -16.68
C HIS F 68 -27.53 12.55 -17.93
N LEU F 69 -27.09 13.15 -19.03
CA LEU F 69 -27.82 13.04 -20.29
C LEU F 69 -27.94 11.57 -20.66
N LEU F 70 -26.84 10.84 -20.60
CA LEU F 70 -26.87 9.42 -20.92
C LEU F 70 -27.83 8.70 -19.97
N GLY F 71 -27.89 9.18 -18.73
CA GLY F 71 -28.79 8.59 -17.74
C GLY F 71 -30.24 8.74 -18.15
N GLN F 72 -30.64 9.96 -18.47
CA GLN F 72 -31.98 10.27 -18.92
C GLN F 72 -32.36 9.54 -20.20
N ASN F 73 -31.36 9.15 -20.96
CA ASN F 73 -31.55 8.49 -22.23
C ASN F 73 -31.68 6.98 -22.14
N MET F 74 -30.74 6.32 -21.47
CA MET F 74 -30.79 4.86 -21.38
C MET F 74 -31.47 4.37 -20.10
N LEU F 75 -31.48 5.24 -19.09
CA LEU F 75 -32.09 4.89 -17.83
C LEU F 75 -33.39 5.65 -17.58
N GLY F 76 -33.86 6.41 -18.55
CA GLY F 76 -35.12 7.10 -18.38
C GLY F 76 -36.06 5.91 -18.21
N GLY F 77 -37.05 6.02 -17.34
CA GLY F 77 -37.92 4.88 -17.13
C GLY F 77 -37.67 4.29 -15.75
N TYR F 78 -36.53 4.66 -15.17
CA TYR F 78 -36.15 4.25 -13.82
C TYR F 78 -36.54 5.42 -12.93
N ASN F 79 -37.14 5.18 -11.79
CA ASN F 79 -37.53 6.29 -10.92
C ASN F 79 -36.31 6.89 -10.24
N GLU F 80 -35.26 6.09 -10.17
CA GLU F 80 -34.04 6.47 -9.49
C GLU F 80 -32.87 5.67 -10.02
N TYR F 81 -31.73 6.33 -10.14
CA TYR F 81 -30.47 5.70 -10.56
C TYR F 81 -29.36 6.56 -9.97
N TYR F 82 -28.10 6.14 -10.13
CA TYR F 82 -26.96 6.89 -9.57
C TYR F 82 -25.90 7.18 -10.61
N ILE F 83 -25.17 8.27 -10.40
CA ILE F 83 -24.08 8.68 -11.27
C ILE F 83 -22.85 8.55 -10.42
N TYR F 84 -22.02 7.55 -10.72
CA TYR F 84 -20.77 7.32 -10.01
C TYR F 84 -19.59 8.16 -10.56
N VAL F 85 -18.83 8.79 -9.64
CA VAL F 85 -17.67 9.60 -9.99
C VAL F 85 -16.50 8.64 -9.85
N VAL F 86 -15.69 8.52 -10.89
CA VAL F 86 -14.58 7.55 -10.94
C VAL F 86 -13.26 8.21 -11.21
N ALA F 87 -12.23 7.83 -10.45
CA ALA F 87 -10.89 8.42 -10.64
C ALA F 87 -10.20 7.79 -11.85
N ALA F 88 -9.35 8.56 -12.49
CA ALA F 88 -8.64 8.10 -13.68
C ALA F 88 -7.61 7.04 -13.32
N ALA F 89 -7.49 6.03 -14.17
CA ALA F 89 -6.53 4.95 -13.98
C ALA F 89 -6.40 4.24 -15.35
N PRO F 90 -5.33 3.45 -15.55
CA PRO F 90 -5.10 2.74 -16.81
C PRO F 90 -6.05 1.62 -17.18
N ASN F 91 -7.16 1.47 -16.47
CA ASN F 91 -8.12 0.44 -16.86
C ASN F 91 -9.17 1.08 -17.71
N LEU F 92 -9.03 2.40 -17.91
CA LEU F 92 -9.97 3.20 -18.70
C LEU F 92 -9.34 3.48 -20.06
N PHE F 93 -10.07 3.16 -21.13
CA PHE F 93 -9.63 3.34 -22.52
C PHE F 93 -10.51 4.29 -23.26
N ASP F 94 -9.90 5.25 -23.94
CA ASP F 94 -10.61 6.25 -24.74
C ASP F 94 -11.17 5.56 -25.96
N VAL F 95 -12.45 5.25 -25.97
CA VAL F 95 -13.06 4.56 -27.09
C VAL F 95 -12.87 5.30 -28.44
N ASN F 96 -13.09 6.59 -28.48
CA ASN F 96 -12.92 7.32 -29.72
C ASN F 96 -11.49 7.31 -30.20
N GLY F 97 -10.54 7.25 -29.28
CA GLY F 97 -9.13 7.28 -29.62
C GLY F 97 -8.60 5.93 -30.05
N VAL F 98 -9.14 4.85 -29.48
CA VAL F 98 -8.70 3.51 -29.79
C VAL F 98 -9.36 2.96 -31.06
N LEU F 99 -10.64 3.29 -31.27
CA LEU F 99 -11.38 2.80 -32.43
C LEU F 99 -11.38 3.72 -33.65
N GLY F 100 -10.86 4.93 -33.50
CA GLY F 100 -10.79 5.87 -34.59
C GLY F 100 -12.15 6.16 -35.16
N ARG F 101 -12.19 6.30 -36.48
CA ARG F 101 -13.40 6.60 -37.23
C ARG F 101 -14.43 5.49 -37.09
N TYR F 102 -14.02 4.34 -36.56
CA TYR F 102 -14.94 3.24 -36.38
C TYR F 102 -15.71 3.33 -35.07
N SER F 103 -15.48 4.39 -34.27
CA SER F 103 -16.17 4.52 -32.99
C SER F 103 -17.65 4.68 -33.30
N PRO F 104 -18.49 3.72 -32.84
CA PRO F 104 -19.94 3.75 -33.07
C PRO F 104 -20.71 4.98 -32.52
N TYR F 105 -20.41 5.39 -31.28
CA TYR F 105 -21.12 6.51 -30.65
C TYR F 105 -20.13 7.57 -30.21
N PRO F 106 -19.46 8.20 -31.19
CA PRO F 106 -18.49 9.21 -30.78
C PRO F 106 -19.02 10.34 -29.89
N SER F 107 -20.31 10.65 -30.00
CA SER F 107 -20.89 11.72 -29.18
C SER F 107 -20.83 11.41 -27.68
N GLU F 108 -20.74 10.13 -27.33
CA GLU F 108 -20.70 9.71 -25.95
C GLU F 108 -19.40 9.89 -25.23
N ASN F 109 -18.33 10.14 -25.98
CA ASN F 109 -17.00 10.32 -25.38
C ASN F 109 -16.73 9.23 -24.37
N GLU F 110 -16.99 8.00 -24.76
CA GLU F 110 -16.82 6.90 -23.83
C GLU F 110 -15.40 6.54 -23.47
N TYR F 111 -15.19 6.29 -22.18
CA TYR F 111 -13.92 5.81 -21.69
C TYR F 111 -14.28 4.46 -21.10
N ALA F 112 -13.94 3.39 -21.82
CA ALA F 112 -14.29 2.04 -21.42
C ALA F 112 -13.39 1.50 -20.33
N ALA F 113 -14.02 1.02 -19.25
CA ALA F 113 -13.27 0.47 -18.13
C ALA F 113 -13.14 -1.03 -18.29
N LEU F 114 -11.92 -1.50 -18.57
CA LEU F 114 -11.64 -2.92 -18.76
C LEU F 114 -11.96 -3.73 -17.51
N GLY F 115 -12.87 -4.69 -17.65
CA GLY F 115 -13.24 -5.53 -16.52
C GLY F 115 -14.04 -4.85 -15.41
N GLY F 116 -14.42 -3.59 -15.60
CA GLY F 116 -15.18 -2.88 -14.59
C GLY F 116 -14.36 -1.90 -13.77
N ILE F 117 -15.00 -1.38 -12.73
CA ILE F 117 -14.38 -0.40 -11.86
C ILE F 117 -14.41 -0.90 -10.42
N PRO F 118 -13.24 -1.04 -9.76
CA PRO F 118 -13.24 -1.51 -8.38
C PRO F 118 -13.78 -0.44 -7.42
N LEU F 119 -14.33 -0.87 -6.28
CA LEU F 119 -14.89 0.06 -5.29
C LEU F 119 -13.93 1.16 -4.85
N SER F 120 -12.66 0.82 -4.65
CA SER F 120 -11.65 1.80 -4.22
C SER F 120 -11.38 2.88 -5.23
N GLN F 121 -11.86 2.69 -6.48
CA GLN F 121 -11.65 3.68 -7.55
C GLN F 121 -12.84 4.62 -7.62
N ILE F 122 -13.96 4.24 -6.99
CA ILE F 122 -15.15 5.08 -6.99
C ILE F 122 -15.02 6.16 -5.95
N ILE F 123 -14.92 7.40 -6.39
CA ILE F 123 -14.80 8.54 -5.50
C ILE F 123 -16.09 8.87 -4.74
N GLY F 124 -17.22 8.77 -5.41
CA GLY F 124 -18.48 9.05 -4.77
C GLY F 124 -19.57 8.90 -5.78
N TRP F 125 -20.78 9.35 -5.43
CA TRP F 125 -21.92 9.24 -6.34
C TRP F 125 -23.00 10.25 -6.03
N TYR F 126 -23.83 10.51 -7.03
CA TYR F 126 -24.94 11.43 -6.93
C TYR F 126 -26.15 10.59 -7.10
N ARG F 127 -27.22 10.95 -6.41
CA ARG F 127 -28.47 10.21 -6.52
C ARG F 127 -29.33 11.01 -7.48
N VAL F 128 -29.97 10.34 -8.44
CA VAL F 128 -30.81 11.04 -9.42
C VAL F 128 -32.24 10.56 -9.20
N SER F 129 -33.08 11.40 -8.63
CA SER F 129 -34.46 11.02 -8.38
C SER F 129 -35.38 11.79 -9.31
N PHE F 130 -36.08 11.09 -10.12
CA PHE F 130 -37.02 11.69 -11.05
C PHE F 130 -36.41 12.50 -12.16
N GLY F 131 -35.17 12.15 -12.48
CA GLY F 131 -34.43 12.86 -13.50
C GLY F 131 -33.66 14.03 -12.94
N ALA F 132 -33.77 14.29 -11.64
CA ALA F 132 -33.07 15.43 -11.05
C ALA F 132 -31.98 14.95 -10.11
N ILE F 133 -30.85 15.64 -10.09
CA ILE F 133 -29.78 15.26 -9.19
C ILE F 133 -30.18 15.73 -7.81
N GLU F 134 -30.45 14.78 -6.93
CA GLU F 134 -30.86 15.07 -5.56
C GLU F 134 -29.74 15.37 -4.60
N GLY F 135 -29.47 16.65 -4.38
CA GLY F 135 -28.42 17.00 -3.44
C GLY F 135 -27.01 16.94 -3.97
N GLY F 136 -26.04 16.79 -3.05
CA GLY F 136 -24.64 16.74 -3.45
C GLY F 136 -24.09 15.35 -3.57
N MET F 137 -22.80 15.25 -3.82
CA MET F 137 -22.12 13.96 -3.97
C MET F 137 -21.88 13.30 -2.64
N HIS F 138 -22.21 12.02 -2.55
CA HIS F 138 -21.97 11.24 -1.34
C HIS F 138 -20.60 10.60 -1.50
N ARG F 139 -19.66 11.04 -0.67
CA ARG F 139 -18.29 10.56 -0.72
C ARG F 139 -18.21 9.09 -0.37
N ASN F 140 -17.53 8.31 -1.21
CA ASN F 140 -17.39 6.89 -0.99
C ASN F 140 -16.28 6.69 0.02
N ARG F 141 -16.65 6.10 1.16
CA ARG F 141 -15.69 5.90 2.23
C ARG F 141 -14.60 4.89 1.90
N ASP F 142 -14.84 4.03 0.92
CA ASP F 142 -13.85 3.03 0.51
C ASP F 142 -12.94 3.51 -0.63
N TYR F 143 -13.07 4.78 -1.01
CA TYR F 143 -12.23 5.35 -2.04
C TYR F 143 -10.83 5.40 -1.45
N ARG F 144 -9.83 4.95 -2.20
CA ARG F 144 -8.44 4.96 -1.75
C ARG F 144 -7.63 5.96 -2.58
N ARG F 145 -7.56 7.20 -2.12
CA ARG F 145 -6.85 8.25 -2.80
C ARG F 145 -5.38 7.95 -3.01
N ASP F 146 -4.75 7.31 -2.04
CA ASP F 146 -3.33 7.01 -2.15
C ASP F 146 -3.03 6.05 -3.32
N LEU F 147 -4.02 5.30 -3.76
CA LEU F 147 -3.83 4.38 -4.87
C LEU F 147 -4.08 4.98 -6.25
N PHE F 148 -4.88 6.04 -6.29
CA PHE F 148 -5.24 6.65 -7.55
C PHE F 148 -4.73 8.05 -7.84
N ARG F 149 -4.11 8.70 -6.88
CA ARG F 149 -3.59 10.04 -7.07
C ARG F 149 -2.61 10.11 -8.24
N GLY F 150 -2.92 10.94 -9.21
CA GLY F 150 -2.03 11.11 -10.35
C GLY F 150 -1.93 10.04 -11.43
N LEU F 151 -2.90 9.13 -11.49
CA LEU F 151 -2.90 8.11 -12.52
C LEU F 151 -3.70 8.73 -13.66
N SER F 152 -3.63 8.14 -14.85
CA SER F 152 -4.42 8.66 -15.95
C SER F 152 -4.88 7.48 -16.76
N ALA F 153 -5.76 7.73 -17.71
CA ALA F 153 -6.29 6.66 -18.54
C ALA F 153 -5.19 5.96 -19.37
N ALA F 154 -5.48 4.78 -19.89
CA ALA F 154 -4.51 4.02 -20.66
C ALA F 154 -4.26 4.69 -22.00
N PRO F 155 -2.99 4.72 -22.41
CA PRO F 155 -2.59 5.32 -23.68
C PRO F 155 -3.22 4.51 -24.81
N ASN F 156 -3.61 5.18 -25.88
CA ASN F 156 -4.24 4.52 -27.04
C ASN F 156 -3.51 3.32 -27.61
N GLU F 157 -2.18 3.39 -27.63
CA GLU F 157 -1.35 2.30 -28.15
C GLU F 157 -1.73 0.99 -27.48
N ASP F 158 -1.93 1.01 -26.17
CA ASP F 158 -2.28 -0.21 -25.44
C ASP F 158 -3.66 -0.71 -25.85
N GLY F 159 -4.52 0.19 -26.30
CA GLY F 159 -5.84 -0.19 -26.71
C GLY F 159 -5.90 -0.75 -28.12
N TYR F 160 -5.02 -0.30 -29.02
CA TYR F 160 -5.07 -0.80 -30.41
C TYR F 160 -4.93 -2.30 -30.48
N ARG F 161 -4.05 -2.84 -29.66
CA ARG F 161 -3.83 -4.25 -29.65
C ARG F 161 -5.10 -5.03 -29.28
N ILE F 162 -5.94 -4.44 -28.44
CA ILE F 162 -7.18 -5.10 -28.00
C ILE F 162 -8.48 -4.49 -28.53
N ALA F 163 -8.38 -3.72 -29.61
CA ALA F 163 -9.55 -3.09 -30.22
C ALA F 163 -10.67 -4.09 -30.50
N GLY F 164 -10.31 -5.33 -30.82
CA GLY F 164 -11.32 -6.35 -31.06
C GLY F 164 -12.17 -6.34 -32.32
N PHE F 165 -11.81 -5.55 -33.34
CA PHE F 165 -12.61 -5.55 -34.58
C PHE F 165 -12.64 -6.98 -35.07
N PRO F 166 -13.70 -7.34 -35.80
CA PRO F 166 -13.80 -8.70 -36.31
C PRO F 166 -12.72 -9.04 -37.33
N ASP F 167 -12.46 -10.32 -37.47
CA ASP F 167 -11.46 -10.77 -38.41
C ASP F 167 -11.75 -10.29 -39.84
N GLY F 168 -10.73 -9.74 -40.49
CA GLY F 168 -10.91 -9.25 -41.85
C GLY F 168 -11.61 -7.91 -41.93
N PHE F 169 -11.69 -7.22 -40.80
CA PHE F 169 -12.31 -5.91 -40.77
C PHE F 169 -11.25 -4.99 -41.37
N PRO F 170 -11.67 -3.95 -42.11
CA PRO F 170 -10.74 -2.99 -42.73
C PRO F 170 -9.64 -2.48 -41.85
N ALA F 171 -9.99 -2.22 -40.61
CA ALA F 171 -9.04 -1.66 -39.66
C ALA F 171 -7.79 -2.50 -39.50
N TRP F 172 -7.89 -3.81 -39.63
CA TRP F 172 -6.72 -4.66 -39.46
C TRP F 172 -5.64 -4.53 -40.54
N GLU F 173 -5.96 -3.83 -41.62
CA GLU F 173 -5.05 -3.61 -42.73
C GLU F 173 -4.65 -2.14 -42.81
N GLU F 174 -4.96 -1.37 -41.77
CA GLU F 174 -4.64 0.05 -41.76
C GLU F 174 -3.82 0.45 -40.53
N VAL F 175 -3.02 1.48 -40.69
CA VAL F 175 -2.23 2.01 -39.62
C VAL F 175 -3.26 2.86 -38.89
N PRO F 176 -3.20 2.89 -37.55
CA PRO F 176 -2.24 2.20 -36.69
C PRO F 176 -2.48 0.76 -36.32
N TRP F 177 -3.71 0.30 -36.44
CA TRP F 177 -4.05 -1.04 -35.99
C TRP F 177 -3.25 -2.22 -36.51
N ARG F 178 -2.84 -2.17 -37.78
CA ARG F 178 -2.08 -3.27 -38.38
C ARG F 178 -0.79 -3.50 -37.62
N GLU F 179 -0.18 -2.42 -37.16
CA GLU F 179 1.06 -2.49 -36.43
C GLU F 179 0.94 -3.09 -35.03
N PHE F 180 -0.29 -3.30 -34.55
CA PHE F 180 -0.50 -3.82 -33.20
C PHE F 180 -1.46 -5.00 -33.20
N ALA F 181 -2.04 -5.29 -34.34
CA ALA F 181 -2.98 -6.40 -34.45
C ALA F 181 -2.48 -7.75 -33.93
N PRO F 182 -3.38 -8.57 -33.33
CA PRO F 182 -2.99 -9.88 -32.84
C PRO F 182 -2.83 -10.68 -34.14
N ASN F 183 -1.84 -11.56 -34.17
CA ASN F 183 -1.55 -12.37 -35.36
C ASN F 183 -2.77 -12.84 -36.10
N SER F 184 -3.59 -13.64 -35.44
CA SER F 184 -4.79 -14.20 -36.03
C SER F 184 -5.84 -13.23 -36.56
N CYS F 185 -5.54 -11.93 -36.54
CA CYS F 185 -6.48 -10.91 -37.02
C CYS F 185 -6.02 -10.26 -38.31
N LEU F 186 -4.71 -10.35 -38.57
CA LEU F 186 -4.13 -9.79 -39.78
C LEU F 186 -4.62 -10.63 -40.96
N PRO F 187 -4.91 -9.99 -42.11
CA PRO F 187 -5.40 -10.70 -43.31
C PRO F 187 -4.32 -11.59 -43.94
N THR G 5 -5.58 -20.06 -33.17
CA THR G 5 -6.59 -19.24 -32.41
C THR G 5 -7.30 -18.30 -33.37
N THR G 6 -8.54 -17.93 -33.06
CA THR G 6 -9.27 -17.00 -33.91
C THR G 6 -8.92 -15.58 -33.50
N CYS G 7 -9.36 -14.63 -34.29
CA CYS G 7 -9.11 -13.24 -34.01
C CYS G 7 -9.81 -12.93 -32.66
N ALA G 8 -11.05 -13.39 -32.53
CA ALA G 8 -11.84 -13.18 -31.32
C ALA G 8 -11.16 -13.70 -30.06
N SER G 9 -10.84 -14.98 -30.07
CA SER G 9 -10.20 -15.63 -28.95
C SER G 9 -8.92 -14.96 -28.54
N LEU G 10 -8.12 -14.59 -29.52
CA LEU G 10 -6.87 -13.97 -29.16
C LEU G 10 -7.15 -12.59 -28.56
N THR G 11 -8.19 -11.91 -29.01
CA THR G 11 -8.51 -10.60 -28.47
C THR G 11 -8.93 -10.79 -27.02
N ASN G 12 -9.88 -11.69 -26.78
CA ASN G 12 -10.36 -11.97 -25.44
C ASN G 12 -9.18 -12.31 -24.54
N LYS G 13 -8.36 -13.26 -25.01
CA LYS G 13 -7.19 -13.72 -24.31
C LYS G 13 -6.23 -12.59 -23.92
N LEU G 14 -5.93 -11.71 -24.86
CA LEU G 14 -5.04 -10.62 -24.59
C LEU G 14 -5.71 -9.68 -23.57
N SER G 15 -7.01 -9.46 -23.74
CA SER G 15 -7.76 -8.60 -22.86
C SER G 15 -7.78 -9.13 -21.43
N GLN G 16 -7.95 -10.43 -21.25
CA GLN G 16 -7.97 -11.01 -19.93
C GLN G 16 -6.62 -10.82 -19.25
N HIS G 17 -5.55 -10.86 -20.03
CA HIS G 17 -4.22 -10.70 -19.47
C HIS G 17 -4.02 -9.28 -19.00
N ASP G 18 -4.53 -8.33 -19.77
CA ASP G 18 -4.43 -6.94 -19.39
C ASP G 18 -5.16 -6.66 -18.08
N LEU G 19 -6.36 -7.23 -17.93
CA LEU G 19 -7.15 -7.07 -16.73
C LEU G 19 -6.41 -7.63 -15.52
N ALA G 20 -6.03 -8.90 -15.60
CA ALA G 20 -5.31 -9.59 -14.56
C ALA G 20 -4.13 -8.77 -14.10
N ASP G 21 -3.41 -8.18 -15.05
CA ASP G 21 -2.27 -7.36 -14.70
C ASP G 21 -2.64 -6.09 -13.94
N PHE G 22 -3.77 -5.49 -14.31
CA PHE G 22 -4.25 -4.26 -13.66
C PHE G 22 -4.63 -4.62 -12.22
N LYS G 23 -5.40 -5.69 -12.06
CA LYS G 23 -5.80 -6.13 -10.75
C LYS G 23 -4.57 -6.40 -9.87
N LYS G 24 -3.54 -7.05 -10.42
CA LYS G 24 -2.32 -7.30 -9.65
C LYS G 24 -1.67 -5.98 -9.27
N TYR G 25 -1.67 -5.04 -10.19
CA TYR G 25 -1.08 -3.72 -9.96
C TYR G 25 -1.71 -3.04 -8.74
N ILE G 26 -3.03 -3.05 -8.68
CA ILE G 26 -3.75 -2.45 -7.57
C ILE G 26 -3.40 -3.17 -6.24
N LYS G 27 -3.39 -4.51 -6.25
CA LYS G 27 -3.08 -5.30 -5.05
C LYS G 27 -1.71 -5.05 -4.52
N ARG G 28 -0.76 -4.88 -5.43
CA ARG G 28 0.60 -4.65 -5.01
C ARG G 28 0.80 -3.24 -4.53
N LYS G 29 0.10 -2.30 -5.14
CA LYS G 29 0.21 -0.91 -4.69
C LYS G 29 -0.44 -0.77 -3.29
N PHE G 30 -1.60 -1.37 -3.11
CA PHE G 30 -2.27 -1.36 -1.82
C PHE G 30 -1.34 -2.00 -0.79
N THR G 31 -0.84 -3.19 -1.08
CA THR G 31 0.09 -3.90 -0.20
C THR G 31 1.26 -3.00 0.22
N LEU G 32 1.84 -2.30 -0.75
CA LEU G 32 2.97 -1.42 -0.51
C LEU G 32 2.63 -0.27 0.43
N MET G 33 1.49 0.37 0.24
CA MET G 33 1.10 1.46 1.11
C MET G 33 0.82 0.93 2.52
N THR G 34 0.27 -0.29 2.60
CA THR G 34 -0.02 -0.92 3.90
C THR G 34 1.24 -1.23 4.68
N LEU G 35 2.24 -1.83 4.03
CA LEU G 35 3.49 -2.16 4.71
C LEU G 35 4.22 -0.92 5.17
N LEU G 36 4.08 0.15 4.41
CA LEU G 36 4.71 1.42 4.77
C LEU G 36 4.02 2.01 6.01
N SER G 37 2.69 1.86 6.08
CA SER G 37 1.90 2.36 7.20
C SER G 37 2.11 1.60 8.52
N ILE G 38 2.09 0.26 8.45
CA ILE G 38 2.24 -0.60 9.62
C ILE G 38 3.64 -0.89 10.12
N ASN G 39 4.67 -0.48 9.39
CA ASN G 39 6.02 -0.80 9.81
C ASN G 39 6.71 0.34 10.51
N ASN G 40 7.41 -0.03 11.56
CA ASN G 40 8.12 0.86 12.48
C ASN G 40 9.38 1.52 11.92
#